data_3ZRM
#
_entry.id   3ZRM
#
_cell.length_a   153.080
_cell.length_b   153.080
_cell.length_c   200.873
_cell.angle_alpha   90.00
_cell.angle_beta   90.00
_cell.angle_gamma   120.00
#
_symmetry.space_group_name_H-M   'H 3 2'
#
loop_
_entity.id
_entity.type
_entity.pdbx_description
1 polymer 'GLYCOGEN SYNTHASE KINASE-3 BETA'
2 polymer 'PROTO-ONCOGENE FRAT1'
3 non-polymer 'SULFATE ION'
4 non-polymer GLYCEROL
5 non-polymer 7-(4-HYDROXYPHENYL)-2-PYRIDIN-4-YL-5H-THIENO[3,2-C]PYRIDIN-4-ONE
6 water water
#
loop_
_entity_poly.entity_id
_entity_poly.type
_entity_poly.pdbx_seq_one_letter_code
_entity_poly.pdbx_strand_id
1 'polypeptide(L)'
;FGSMKVSRDKDGSKVTTVVATPGQGPDRPQEVSYTDTKVIGNGSFGVVYQAKLCDSGELVAIKKVLQDKRFKNRELQIMR
KLDHCNIVRLRYFFYSSGEKKDEVYLNLVLDYVPETVYRVARHYSRAKQTLPVIYVKLYMYQLFRSLAYIHSFGICHRDI
KPQNLLLDPDTAVLKLCDFGSAKQLVRGEPNVS(PTR)ICSRYYRAPELIFGATDYTSSIDVWSAGCVLAELLLGQPIFP
GDSGVDQLVEIIKVLGTPTREQIREMNPNYTEFKFPQIKAHPWTKVFRPRTPPEAIALCSRLLEYTPTARLTPLEACAHS
FFDELRDPNVKLPNGRDTPALFNFTTQELSSNPPLATILIPPHARIQAAASTPTN
;
A,B
2 'polypeptide(L)' MADDPHRLLQQLVLSGNLIKEAVRRLHSRRLQ X,Y
#
# COMPACT_ATOMS: atom_id res chain seq x y z
N LYS A 14 -43.70 -18.57 -26.20
CA LYS A 14 -44.83 -18.76 -25.24
C LYS A 14 -44.64 -17.92 -23.98
N VAL A 15 -45.76 -17.53 -23.35
CA VAL A 15 -45.76 -16.96 -22.01
C VAL A 15 -45.81 -18.14 -21.03
N THR A 16 -44.96 -18.12 -20.01
CA THR A 16 -44.89 -19.19 -19.03
C THR A 16 -45.25 -18.63 -17.65
N THR A 17 -46.17 -19.29 -16.98
CA THR A 17 -46.61 -18.84 -15.66
C THR A 17 -46.31 -19.91 -14.63
N VAL A 18 -45.65 -19.50 -13.55
CA VAL A 18 -45.28 -20.41 -12.48
C VAL A 18 -45.69 -19.79 -11.16
N VAL A 19 -45.77 -20.63 -10.13
CA VAL A 19 -45.90 -20.17 -8.76
C VAL A 19 -44.51 -20.24 -8.13
N ALA A 20 -44.02 -19.10 -7.66
CA ALA A 20 -42.64 -18.98 -7.19
C ALA A 20 -42.53 -18.25 -5.86
N THR A 21 -41.44 -18.52 -5.14
CA THR A 21 -41.21 -17.91 -3.85
C THR A 21 -40.14 -16.81 -3.97
N PRO A 22 -40.43 -15.60 -3.43
CA PRO A 22 -39.44 -14.51 -3.40
C PRO A 22 -38.13 -14.93 -2.73
N GLY A 23 -37.02 -14.48 -3.33
CA GLY A 23 -35.69 -14.88 -2.88
C GLY A 23 -35.32 -14.54 -1.44
N GLN A 24 -35.84 -13.43 -0.93
CA GLN A 24 -35.32 -12.84 0.32
C GLN A 24 -35.88 -13.31 1.69
N GLY A 25 -37.19 -13.54 1.88
CA GLY A 25 -38.29 -13.15 1.02
C GLY A 25 -39.04 -12.01 1.69
N PRO A 26 -40.22 -12.27 2.31
CA PRO A 26 -40.97 -13.53 2.45
C PRO A 26 -41.74 -13.79 1.16
N ASP A 27 -41.91 -15.03 0.69
CA ASP A 27 -41.87 -16.36 1.36
C ASP A 27 -43.28 -16.91 1.27
N ARG A 28 -44.19 -16.03 0.88
CA ARG A 28 -45.51 -16.40 0.41
C ARG A 28 -45.35 -16.64 -1.09
N PRO A 29 -45.66 -17.87 -1.56
CA PRO A 29 -45.57 -18.15 -2.99
C PRO A 29 -46.53 -17.26 -3.76
N GLN A 30 -46.15 -16.90 -4.99
CA GLN A 30 -46.94 -16.00 -5.83
C GLN A 30 -46.77 -16.35 -7.30
N GLU A 31 -47.71 -15.90 -8.12
CA GLU A 31 -47.64 -16.15 -9.54
C GLU A 31 -46.65 -15.22 -10.22
N VAL A 32 -45.78 -15.81 -11.01
CA VAL A 32 -44.80 -15.08 -11.80
C VAL A 32 -44.90 -15.55 -13.24
N SER A 33 -45.00 -14.58 -14.14
CA SER A 33 -45.05 -14.85 -15.58
C SER A 33 -43.83 -14.29 -16.30
N TYR A 34 -43.29 -15.08 -17.20
CA TYR A 34 -42.13 -14.67 -17.99
C TYR A 34 -42.21 -15.22 -19.40
N THR A 35 -41.47 -14.60 -20.32
CA THR A 35 -41.48 -14.98 -21.74
C THR A 35 -40.09 -14.78 -22.40
N ASP A 36 -40.02 -15.01 -23.72
CA ASP A 36 -38.77 -14.87 -24.49
C ASP A 36 -37.67 -15.79 -23.97
N THR A 37 -38.04 -17.02 -23.63
CA THR A 37 -37.13 -17.98 -23.02
C THR A 37 -36.13 -18.55 -24.03
N LYS A 38 -34.85 -18.23 -23.85
CA LYS A 38 -33.78 -18.84 -24.64
C LYS A 38 -32.61 -19.32 -23.78
N VAL A 39 -31.95 -20.37 -24.25
CA VAL A 39 -30.80 -20.94 -23.56
C VAL A 39 -29.56 -20.09 -23.77
N ILE A 40 -28.83 -19.84 -22.68
CA ILE A 40 -27.59 -19.06 -22.73
C ILE A 40 -26.44 -19.83 -22.11
N GLY A 41 -26.72 -21.06 -21.70
CA GLY A 41 -25.71 -21.92 -21.09
C GLY A 41 -26.21 -23.30 -20.76
N ASN A 42 -25.36 -24.29 -20.98
CA ASN A 42 -25.64 -25.68 -20.68
C ASN A 42 -24.37 -26.31 -20.11
N GLY A 43 -24.50 -27.08 -19.04
CA GLY A 43 -23.33 -27.68 -18.39
C GLY A 43 -23.68 -28.90 -17.56
N SER A 44 -22.69 -29.46 -16.88
CA SER A 44 -22.93 -30.63 -16.04
C SER A 44 -23.76 -30.27 -14.80
N PHE A 45 -23.81 -28.96 -14.49
CA PHE A 45 -24.58 -28.43 -13.35
C PHE A 45 -26.10 -28.38 -13.65
N GLY A 46 -26.44 -28.13 -14.92
CA GLY A 46 -27.82 -27.88 -15.35
C GLY A 46 -27.89 -27.04 -16.61
N VAL A 47 -28.90 -26.17 -16.71
CA VAL A 47 -29.09 -25.27 -17.83
C VAL A 47 -29.36 -23.87 -17.31
N VAL A 48 -28.99 -22.85 -18.09
CA VAL A 48 -29.34 -21.47 -17.75
C VAL A 48 -30.09 -20.84 -18.91
N TYR A 49 -31.23 -20.22 -18.58
CA TYR A 49 -32.06 -19.56 -19.56
C TYR A 49 -31.99 -18.08 -19.31
N GLN A 50 -32.20 -17.29 -20.36
CA GLN A 50 -32.54 -15.90 -20.20
C GLN A 50 -34.04 -15.79 -20.44
N ALA A 51 -34.67 -14.83 -19.77
CA ALA A 51 -36.10 -14.59 -19.94
C ALA A 51 -36.45 -13.16 -19.59
N LYS A 52 -37.67 -12.78 -19.94
CA LYS A 52 -38.18 -11.45 -19.70
C LYS A 52 -39.44 -11.58 -18.84
N LEU A 53 -39.46 -10.84 -17.72
CA LEU A 53 -40.61 -10.82 -16.81
C LEU A 53 -41.73 -9.96 -17.38
N CYS A 54 -42.91 -10.58 -17.53
CA CYS A 54 -44.06 -9.94 -18.16
C CYS A 54 -44.52 -8.67 -17.47
N ASP A 55 -44.53 -8.69 -16.13
CA ASP A 55 -45.02 -7.56 -15.36
C ASP A 55 -44.05 -6.38 -15.38
N SER A 56 -42.79 -6.68 -15.66
CA SER A 56 -41.69 -5.75 -15.40
C SER A 56 -40.96 -5.32 -16.67
N GLY A 57 -40.76 -6.25 -17.59
CA GLY A 57 -39.89 -6.01 -18.75
C GLY A 57 -38.45 -6.41 -18.46
N GLU A 58 -38.09 -6.43 -17.18
CA GLU A 58 -36.73 -6.76 -16.71
C GLU A 58 -36.27 -8.16 -17.12
N LEU A 59 -35.01 -8.25 -17.55
CA LEU A 59 -34.46 -9.50 -17.99
C LEU A 59 -33.94 -10.29 -16.78
N VAL A 60 -34.08 -11.60 -16.86
CA VAL A 60 -33.64 -12.48 -15.78
C VAL A 60 -32.92 -13.68 -16.35
N ALA A 61 -32.03 -14.26 -15.56
CA ALA A 61 -31.45 -15.56 -15.87
C ALA A 61 -32.12 -16.58 -14.98
N ILE A 62 -32.43 -17.73 -15.55
CA ILE A 62 -33.04 -18.81 -14.79
C ILE A 62 -32.12 -19.99 -14.83
N LYS A 63 -31.60 -20.34 -13.66
CA LYS A 63 -30.69 -21.46 -13.54
C LYS A 63 -31.49 -22.68 -13.09
N LYS A 64 -31.68 -23.63 -14.02
CA LYS A 64 -32.42 -24.85 -13.74
C LYS A 64 -31.45 -25.96 -13.37
N VAL A 65 -31.69 -26.58 -12.22
CA VAL A 65 -30.85 -27.64 -11.68
C VAL A 65 -31.71 -28.84 -11.30
N LEU A 66 -31.19 -30.04 -11.57
CA LEU A 66 -31.80 -31.28 -11.13
C LEU A 66 -31.63 -31.40 -9.62
N GLN A 67 -32.72 -31.67 -8.91
CA GLN A 67 -32.68 -31.67 -7.45
C GLN A 67 -33.21 -32.94 -6.79
N ASP A 68 -32.38 -33.53 -5.94
CA ASP A 68 -32.76 -34.65 -5.08
C ASP A 68 -33.89 -34.22 -4.13
N LYS A 69 -35.12 -34.66 -4.44
CA LYS A 69 -36.34 -34.20 -3.77
C LYS A 69 -36.38 -34.32 -2.24
N ARG A 70 -35.55 -35.21 -1.66
CA ARG A 70 -35.46 -35.31 -0.20
C ARG A 70 -34.17 -34.72 0.38
N PHE A 71 -33.49 -33.92 -0.43
CA PHE A 71 -32.29 -33.19 -0.01
C PHE A 71 -32.51 -31.68 -0.21
N LYS A 72 -31.90 -30.87 0.65
CA LYS A 72 -31.92 -29.42 0.47
C LYS A 72 -30.78 -29.01 -0.48
N ASN A 73 -30.99 -27.88 -1.17
CA ASN A 73 -29.99 -27.36 -2.10
C ASN A 73 -29.10 -26.31 -1.42
N ARG A 74 -27.78 -26.56 -1.40
CA ARG A 74 -26.78 -25.65 -0.80
C ARG A 74 -26.87 -24.25 -1.40
N GLU A 75 -26.84 -24.20 -2.72
CA GLU A 75 -26.86 -22.95 -3.45
C GLU A 75 -28.10 -22.12 -3.10
N LEU A 76 -29.27 -22.77 -3.05
CA LEU A 76 -30.49 -22.08 -2.65
C LEU A 76 -30.38 -21.50 -1.24
N GLN A 77 -30.03 -22.35 -0.28
CA GLN A 77 -29.92 -21.93 1.12
C GLN A 77 -29.00 -20.73 1.22
N ILE A 78 -27.85 -20.84 0.56
CA ILE A 78 -26.88 -19.76 0.48
C ILE A 78 -27.47 -18.54 -0.22
N MET A 79 -28.07 -18.71 -1.39
CA MET A 79 -28.60 -17.54 -2.13
C MET A 79 -29.63 -16.75 -1.33
N ARG A 80 -30.49 -17.46 -0.60
CA ARG A 80 -31.56 -16.82 0.20
C ARG A 80 -31.03 -15.90 1.29
N LYS A 81 -29.82 -16.16 1.77
CA LYS A 81 -29.22 -15.35 2.84
C LYS A 81 -28.69 -14.01 2.33
N LEU A 82 -28.37 -13.96 1.04
CA LEU A 82 -27.60 -12.85 0.50
C LEU A 82 -28.43 -11.72 -0.07
N ASP A 83 -27.98 -10.50 0.21
CA ASP A 83 -28.54 -9.30 -0.39
C ASP A 83 -27.48 -8.20 -0.36
N HIS A 84 -26.91 -7.94 -1.53
CA HIS A 84 -25.75 -7.07 -1.64
C HIS A 84 -25.64 -6.60 -3.09
N CYS A 85 -25.26 -5.33 -3.26
CA CYS A 85 -25.14 -4.71 -4.57
C CYS A 85 -24.06 -5.33 -5.49
N ASN A 86 -23.13 -6.09 -4.90
CA ASN A 86 -22.11 -6.80 -5.71
C ASN A 86 -22.28 -8.31 -5.76
N ILE A 87 -23.45 -8.77 -5.38
CA ILE A 87 -23.82 -10.17 -5.59
C ILE A 87 -25.07 -10.24 -6.45
N VAL A 88 -25.08 -11.18 -7.39
CA VAL A 88 -26.25 -11.42 -8.23
C VAL A 88 -27.47 -11.65 -7.33
N ARG A 89 -28.56 -10.96 -7.61
CA ARG A 89 -29.74 -11.10 -6.77
C ARG A 89 -30.58 -12.30 -7.17
N LEU A 90 -30.99 -13.08 -6.17
CA LEU A 90 -32.03 -14.09 -6.34
C LEU A 90 -33.40 -13.41 -6.21
N ARG A 91 -34.07 -13.25 -7.35
CA ARG A 91 -35.40 -12.65 -7.40
C ARG A 91 -36.48 -13.62 -6.89
N TYR A 92 -36.50 -14.83 -7.45
CA TYR A 92 -37.47 -15.85 -7.12
C TYR A 92 -36.80 -17.21 -7.20
N PHE A 93 -37.45 -18.22 -6.63
CA PHE A 93 -37.09 -19.59 -6.93
C PHE A 93 -38.36 -20.43 -7.03
N PHE A 94 -38.33 -21.47 -7.87
CA PHE A 94 -39.48 -22.36 -8.02
C PHE A 94 -39.11 -23.76 -8.52
N TYR A 95 -40.00 -24.72 -8.30
CA TYR A 95 -39.74 -26.11 -8.68
C TYR A 95 -40.61 -26.59 -9.83
N SER A 96 -40.05 -27.50 -10.63
CA SER A 96 -40.75 -28.29 -11.66
C SER A 96 -40.18 -29.71 -11.44
N SER A 97 -40.55 -30.81 -12.12
CA SER A 97 -41.67 -31.06 -13.08
C SER A 97 -41.85 -30.12 -14.27
N LYS A 100 -40.32 -36.86 -17.94
CA LYS A 100 -39.45 -37.53 -16.97
C LYS A 100 -40.22 -38.04 -15.74
N LYS A 101 -41.45 -37.54 -15.56
CA LYS A 101 -42.38 -37.98 -14.50
C LYS A 101 -42.03 -37.49 -13.08
N ASP A 102 -41.40 -38.37 -12.28
CA ASP A 102 -41.13 -38.11 -10.85
C ASP A 102 -39.97 -37.14 -10.58
N GLU A 103 -39.58 -36.38 -11.59
CA GLU A 103 -38.32 -35.63 -11.56
C GLU A 103 -38.48 -34.18 -11.12
N VAL A 104 -37.63 -33.77 -10.18
CA VAL A 104 -37.69 -32.42 -9.59
C VAL A 104 -36.50 -31.53 -10.01
N TYR A 105 -36.83 -30.36 -10.55
CA TYR A 105 -35.86 -29.34 -10.88
C TYR A 105 -36.08 -28.11 -10.01
N LEU A 106 -34.98 -27.57 -9.47
CA LEU A 106 -35.04 -26.28 -8.80
C LEU A 106 -34.63 -25.20 -9.80
N ASN A 107 -35.38 -24.10 -9.82
CA ASN A 107 -35.14 -23.00 -10.74
C ASN A 107 -34.86 -21.73 -9.98
N LEU A 108 -33.67 -21.18 -10.20
CA LEU A 108 -33.21 -19.96 -9.56
C LEU A 108 -33.43 -18.84 -10.54
N VAL A 109 -34.23 -17.86 -10.17
CA VAL A 109 -34.48 -16.74 -11.05
C VAL A 109 -33.60 -15.60 -10.59
N LEU A 110 -32.65 -15.21 -11.45
CA LEU A 110 -31.64 -14.22 -11.10
C LEU A 110 -31.75 -12.97 -11.98
N ASP A 111 -31.36 -11.83 -11.45
CA ASP A 111 -31.22 -10.63 -12.27
C ASP A 111 -30.21 -10.90 -13.38
N TYR A 112 -30.59 -10.61 -14.62
CA TYR A 112 -29.70 -10.81 -15.77
C TYR A 112 -28.64 -9.72 -15.82
N VAL A 113 -27.41 -10.11 -16.11
CA VAL A 113 -26.31 -9.16 -16.32
C VAL A 113 -25.55 -9.59 -17.57
N PRO A 114 -25.50 -8.71 -18.59
CA PRO A 114 -25.08 -9.10 -19.94
C PRO A 114 -23.59 -9.37 -20.13
N GLU A 115 -22.74 -8.76 -19.31
CA GLU A 115 -21.30 -8.92 -19.52
C GLU A 115 -20.58 -9.61 -18.36
N THR A 116 -19.35 -10.04 -18.61
CA THR A 116 -18.48 -10.64 -17.59
C THR A 116 -17.11 -9.99 -17.67
N VAL A 117 -16.37 -10.06 -16.57
CA VAL A 117 -14.99 -9.59 -16.51
C VAL A 117 -14.14 -10.42 -17.48
N TYR A 118 -14.48 -11.70 -17.63
CA TYR A 118 -13.83 -12.53 -18.63
C TYR A 118 -13.92 -11.93 -20.04
N ARG A 119 -15.13 -11.71 -20.54
N ARG A 119 -15.14 -11.75 -20.54
CA ARG A 119 -15.31 -11.24 -21.91
CA ARG A 119 -15.38 -11.21 -21.88
C ARG A 119 -14.82 -9.80 -22.15
C ARG A 119 -14.66 -9.88 -22.09
N VAL A 120 -14.76 -8.99 -21.11
CA VAL A 120 -14.15 -7.67 -21.18
C VAL A 120 -12.61 -7.74 -21.25
N ALA A 121 -12.00 -8.55 -20.40
CA ALA A 121 -10.55 -8.70 -20.40
C ALA A 121 -10.06 -9.37 -21.69
N ARG A 122 -10.84 -10.34 -22.17
CA ARG A 122 -10.57 -11.02 -23.43
C ARG A 122 -10.57 -10.06 -24.64
N HIS A 123 -11.45 -9.06 -24.59
CA HIS A 123 -11.55 -8.07 -25.66
C HIS A 123 -10.28 -7.21 -25.78
N TYR A 124 -9.75 -6.80 -24.63
CA TYR A 124 -8.50 -6.05 -24.58
C TYR A 124 -7.33 -6.93 -24.94
N SER A 125 -7.37 -8.18 -24.47
CA SER A 125 -6.25 -9.09 -24.64
C SER A 125 -6.04 -9.42 -26.11
N ARG A 126 -7.12 -9.59 -26.85
CA ARG A 126 -7.07 -9.87 -28.28
C ARG A 126 -6.61 -8.64 -29.09
N ALA A 127 -6.91 -7.45 -28.58
CA ALA A 127 -6.44 -6.19 -29.16
C ALA A 127 -5.03 -5.86 -28.68
N LYS A 128 -4.38 -6.88 -28.11
CA LYS A 128 -3.00 -6.82 -27.63
C LYS A 128 -2.70 -5.75 -26.55
N GLN A 129 -3.75 -5.30 -25.86
CA GLN A 129 -3.59 -4.23 -24.85
C GLN A 129 -4.14 -4.56 -23.47
N THR A 130 -3.74 -3.76 -22.49
CA THR A 130 -4.16 -3.97 -21.11
C THR A 130 -5.43 -3.19 -20.76
N LEU A 131 -6.21 -3.74 -19.84
CA LEU A 131 -7.38 -3.06 -19.32
C LEU A 131 -6.93 -1.82 -18.56
N PRO A 132 -7.54 -0.66 -18.84
CA PRO A 132 -7.20 0.56 -18.09
C PRO A 132 -7.19 0.31 -16.58
N VAL A 133 -6.15 0.82 -15.93
CA VAL A 133 -5.93 0.67 -14.51
C VAL A 133 -7.18 0.96 -13.67
N ILE A 134 -7.95 1.96 -14.08
CA ILE A 134 -9.11 2.40 -13.30
C ILE A 134 -10.17 1.28 -13.15
N TYR A 135 -10.38 0.52 -14.23
CA TYR A 135 -11.28 -0.60 -14.22
C TYR A 135 -10.75 -1.75 -13.34
N VAL A 136 -9.44 -1.92 -13.35
CA VAL A 136 -8.76 -2.92 -12.53
C VAL A 136 -9.04 -2.58 -11.09
N LYS A 137 -9.03 -1.30 -10.77
CA LYS A 137 -9.35 -0.87 -9.40
C LYS A 137 -10.83 -1.13 -9.11
N LEU A 138 -11.70 -0.69 -10.01
CA LEU A 138 -13.16 -0.85 -9.83
C LEU A 138 -13.62 -2.30 -9.68
N TYR A 139 -13.25 -3.15 -10.63
CA TYR A 139 -13.66 -4.55 -10.59
C TYR A 139 -13.14 -5.29 -9.35
N MET A 140 -11.84 -5.14 -9.07
CA MET A 140 -11.24 -5.83 -7.93
C MET A 140 -11.83 -5.39 -6.59
N TYR A 141 -12.08 -4.09 -6.46
CA TYR A 141 -12.62 -3.54 -5.24
C TYR A 141 -14.01 -4.09 -4.96
N GLN A 142 -14.84 -4.13 -5.99
CA GLN A 142 -16.19 -4.68 -5.88
C GLN A 142 -16.15 -6.16 -5.60
N LEU A 143 -15.19 -6.87 -6.22
CA LEU A 143 -14.96 -8.27 -5.91
C LEU A 143 -14.63 -8.45 -4.42
N PHE A 144 -13.67 -7.69 -3.91
CA PHE A 144 -13.31 -7.84 -2.49
C PHE A 144 -14.49 -7.56 -1.55
N ARG A 145 -15.29 -6.55 -1.89
CA ARG A 145 -16.51 -6.27 -1.14
C ARG A 145 -17.48 -7.45 -1.07
N SER A 146 -17.67 -8.13 -2.19
CA SER A 146 -18.58 -9.28 -2.24
C SER A 146 -18.05 -10.43 -1.38
N LEU A 147 -16.74 -10.57 -1.37
CA LEU A 147 -16.06 -11.55 -0.54
C LEU A 147 -16.19 -11.20 0.94
N ALA A 148 -16.00 -9.93 1.27
CA ALA A 148 -16.13 -9.48 2.67
C ALA A 148 -17.51 -9.85 3.18
N TYR A 149 -18.51 -9.64 2.32
CA TYR A 149 -19.90 -9.90 2.66
C TYR A 149 -20.18 -11.40 2.89
N ILE A 150 -19.90 -12.23 1.89
CA ILE A 150 -20.19 -13.66 1.99
C ILE A 150 -19.36 -14.35 3.06
N HIS A 151 -18.10 -13.94 3.19
CA HIS A 151 -17.22 -14.53 4.19
C HIS A 151 -17.72 -14.26 5.61
N SER A 152 -18.43 -13.14 5.79
CA SER A 152 -18.93 -12.77 7.11
C SER A 152 -20.04 -13.68 7.62
N PHE A 153 -20.67 -14.43 6.71
CA PHE A 153 -21.62 -15.48 7.09
C PHE A 153 -20.89 -16.82 7.21
N GLY A 154 -19.60 -16.82 6.90
CA GLY A 154 -18.82 -18.05 6.85
C GLY A 154 -18.94 -18.78 5.51
N ILE A 155 -19.58 -18.14 4.54
CA ILE A 155 -19.72 -18.73 3.21
C ILE A 155 -18.46 -18.48 2.38
N CYS A 156 -17.95 -19.55 1.78
CA CYS A 156 -16.81 -19.50 0.91
C CYS A 156 -17.29 -19.87 -0.50
N HIS A 157 -16.91 -19.06 -1.49
CA HIS A 157 -17.46 -19.19 -2.84
C HIS A 157 -16.90 -20.41 -3.54
N ARG A 158 -15.59 -20.57 -3.47
CA ARG A 158 -14.93 -21.79 -3.92
C ARG A 158 -14.81 -21.88 -5.44
N ASP A 159 -15.24 -20.82 -6.15
CA ASP A 159 -15.08 -20.79 -7.60
C ASP A 159 -14.88 -19.37 -8.16
N ILE A 160 -13.95 -18.62 -7.55
CA ILE A 160 -13.70 -17.25 -7.99
C ILE A 160 -12.87 -17.28 -9.27
N LYS A 161 -13.42 -16.70 -10.33
CA LYS A 161 -12.74 -16.60 -11.63
C LYS A 161 -13.44 -15.54 -12.48
N PRO A 162 -12.80 -15.05 -13.54
CA PRO A 162 -13.34 -13.91 -14.27
C PRO A 162 -14.70 -14.20 -14.89
N GLN A 163 -14.96 -15.45 -15.26
CA GLN A 163 -16.24 -15.81 -15.85
C GLN A 163 -17.41 -15.69 -14.87
N ASN A 164 -17.11 -15.76 -13.57
CA ASN A 164 -18.10 -15.65 -12.51
C ASN A 164 -18.24 -14.23 -11.95
N LEU A 165 -17.69 -13.27 -12.67
CA LEU A 165 -17.76 -11.87 -12.27
C LEU A 165 -18.57 -11.10 -13.32
N LEU A 166 -19.86 -10.97 -13.08
CA LEU A 166 -20.73 -10.26 -14.01
C LEU A 166 -20.51 -8.76 -13.97
N LEU A 167 -20.72 -8.12 -15.12
CA LEU A 167 -20.53 -6.68 -15.30
C LEU A 167 -21.68 -6.04 -16.06
N ASP A 168 -22.18 -4.93 -15.53
CA ASP A 168 -23.08 -4.08 -16.30
C ASP A 168 -22.20 -3.04 -17.03
N PRO A 169 -22.06 -3.18 -18.36
CA PRO A 169 -21.06 -2.40 -19.11
C PRO A 169 -21.24 -0.88 -19.08
N ASP A 170 -22.43 -0.41 -18.71
CA ASP A 170 -22.68 1.02 -18.63
C ASP A 170 -22.31 1.59 -17.25
N THR A 171 -22.76 0.93 -16.19
CA THR A 171 -22.52 1.42 -14.83
C THR A 171 -21.21 0.94 -14.23
N ALA A 172 -20.66 -0.14 -14.80
CA ALA A 172 -19.47 -0.81 -14.25
C ALA A 172 -19.70 -1.43 -12.87
N VAL A 173 -20.96 -1.74 -12.56
CA VAL A 173 -21.32 -2.54 -11.39
C VAL A 173 -20.85 -3.98 -11.64
N LEU A 174 -20.11 -4.54 -10.68
CA LEU A 174 -19.71 -5.96 -10.71
C LEU A 174 -20.60 -6.76 -9.79
N LYS A 175 -21.11 -7.89 -10.28
CA LYS A 175 -21.86 -8.81 -9.41
C LYS A 175 -21.28 -10.20 -9.46
N LEU A 176 -20.87 -10.70 -8.30
CA LEU A 176 -20.41 -12.08 -8.15
C LEU A 176 -21.56 -13.05 -8.42
N CYS A 177 -21.31 -14.06 -9.24
CA CYS A 177 -22.35 -15.06 -9.48
C CYS A 177 -21.86 -16.51 -9.36
N ASP A 178 -22.78 -17.44 -9.59
CA ASP A 178 -22.51 -18.87 -9.64
C ASP A 178 -22.04 -19.43 -8.31
N PHE A 179 -23.00 -19.61 -7.40
CA PHE A 179 -22.74 -20.16 -6.08
C PHE A 179 -22.87 -21.67 -6.03
N GLY A 180 -22.87 -22.32 -7.19
CA GLY A 180 -22.96 -23.76 -7.27
C GLY A 180 -21.85 -24.56 -6.57
N SER A 181 -20.75 -23.89 -6.23
CA SER A 181 -19.66 -24.55 -5.51
C SER A 181 -19.54 -24.00 -4.09
N ALA A 182 -20.37 -23.01 -3.78
CA ALA A 182 -20.30 -22.32 -2.51
C ALA A 182 -20.69 -23.23 -1.36
N LYS A 183 -20.08 -22.96 -0.20
CA LYS A 183 -20.31 -23.74 1.00
C LYS A 183 -20.09 -22.92 2.25
N GLN A 184 -20.94 -23.16 3.24
N GLN A 184 -20.97 -23.16 3.21
CA GLN A 184 -20.79 -22.58 4.56
CA GLN A 184 -20.81 -22.73 4.58
C GLN A 184 -19.78 -23.42 5.35
C GLN A 184 -19.67 -23.55 5.15
N LEU A 185 -18.57 -22.89 5.52
CA LEU A 185 -17.44 -23.61 6.10
C LEU A 185 -17.50 -23.68 7.63
N VAL A 186 -17.42 -24.89 8.14
CA VAL A 186 -17.43 -25.13 9.58
C VAL A 186 -16.12 -25.81 9.96
N ARG A 187 -15.33 -25.13 10.78
CA ARG A 187 -14.08 -25.69 11.31
C ARG A 187 -14.24 -27.09 11.92
N GLY A 188 -13.26 -27.95 11.69
CA GLY A 188 -13.36 -29.35 12.09
C GLY A 188 -14.07 -30.24 11.06
N GLU A 189 -15.06 -29.69 10.35
CA GLU A 189 -15.79 -30.47 9.34
C GLU A 189 -15.13 -30.35 7.98
N PRO A 190 -14.61 -31.47 7.45
CA PRO A 190 -13.74 -31.43 6.25
C PRO A 190 -14.49 -31.08 4.96
N ASN A 191 -13.76 -30.49 4.02
CA ASN A 191 -14.30 -30.05 2.74
C ASN A 191 -13.50 -30.66 1.62
N VAL A 192 -14.14 -30.95 0.49
CA VAL A 192 -13.47 -31.58 -0.66
C VAL A 192 -12.29 -30.72 -1.16
N SER A 193 -11.18 -31.35 -1.54
CA SER A 193 -10.02 -30.58 -1.99
C SER A 193 -10.07 -30.25 -3.49
N ILE A 195 -11.55 -28.69 -5.89
CA ILE A 195 -12.55 -27.66 -6.03
C ILE A 195 -11.85 -26.44 -6.63
N CYS A 196 -12.66 -25.48 -7.13
N CYS A 196 -12.64 -25.46 -7.08
CA CYS A 196 -12.18 -24.28 -7.82
CA CYS A 196 -12.16 -24.29 -7.85
C CYS A 196 -11.60 -24.59 -9.22
C CYS A 196 -11.74 -24.67 -9.27
N SER A 197 -11.81 -23.68 -10.17
CA SER A 197 -11.22 -23.82 -11.51
C SER A 197 -9.71 -23.79 -11.35
N ARG A 198 -9.03 -24.63 -12.13
CA ARG A 198 -7.64 -24.97 -11.94
C ARG A 198 -6.72 -23.75 -11.85
N TYR A 199 -6.87 -22.81 -12.78
CA TYR A 199 -6.01 -21.63 -12.86
C TYR A 199 -6.07 -20.76 -11.60
N TYR A 200 -7.20 -20.84 -10.89
CA TYR A 200 -7.51 -20.00 -9.72
C TYR A 200 -7.44 -20.79 -8.39
N ARG A 201 -7.02 -22.05 -8.48
CA ARG A 201 -7.01 -22.96 -7.33
C ARG A 201 -5.85 -22.65 -6.40
N ALA A 202 -6.15 -22.38 -5.13
CA ALA A 202 -5.13 -22.11 -4.11
C ALA A 202 -4.25 -23.35 -3.91
N PRO A 203 -2.95 -23.14 -3.58
CA PRO A 203 -1.99 -24.25 -3.46
C PRO A 203 -2.37 -25.25 -2.35
N GLU A 204 -2.90 -24.76 -1.23
CA GLU A 204 -3.34 -25.70 -0.19
C GLU A 204 -4.28 -26.77 -0.76
N LEU A 205 -5.12 -26.41 -1.73
CA LEU A 205 -6.05 -27.37 -2.33
C LEU A 205 -5.31 -28.43 -3.13
N ILE A 206 -4.30 -28.00 -3.88
CA ILE A 206 -3.47 -28.90 -4.67
C ILE A 206 -2.71 -29.88 -3.76
N PHE A 207 -2.37 -29.41 -2.56
CA PHE A 207 -1.71 -30.23 -1.54
C PHE A 207 -2.67 -31.13 -0.77
N GLY A 208 -3.97 -31.03 -1.06
CA GLY A 208 -4.96 -31.95 -0.51
C GLY A 208 -5.62 -31.49 0.77
N ALA A 209 -5.49 -30.22 1.11
CA ALA A 209 -6.12 -29.70 2.31
C ALA A 209 -7.63 -29.97 2.32
N THR A 210 -8.13 -30.36 3.48
CA THR A 210 -9.57 -30.55 3.68
C THR A 210 -10.06 -29.60 4.78
N ASP A 211 -9.12 -28.92 5.44
CA ASP A 211 -9.39 -28.02 6.56
C ASP A 211 -9.12 -26.55 6.20
N TYR A 212 -9.27 -26.23 4.92
CA TYR A 212 -9.01 -24.88 4.44
C TYR A 212 -10.11 -23.89 4.84
N THR A 213 -9.88 -22.62 4.53
CA THR A 213 -10.77 -21.53 4.92
C THR A 213 -11.17 -20.70 3.71
N SER A 214 -11.97 -19.68 3.95
CA SER A 214 -12.37 -18.73 2.94
C SER A 214 -11.20 -18.00 2.24
N SER A 215 -9.99 -18.10 2.79
CA SER A 215 -8.85 -17.41 2.19
C SER A 215 -8.46 -18.03 0.85
N ILE A 216 -8.99 -19.22 0.54
CA ILE A 216 -8.86 -19.76 -0.81
C ILE A 216 -9.48 -18.81 -1.86
N ASP A 217 -10.55 -18.08 -1.49
CA ASP A 217 -11.18 -17.11 -2.38
C ASP A 217 -10.26 -15.91 -2.65
N VAL A 218 -9.50 -15.51 -1.63
CA VAL A 218 -8.57 -14.39 -1.72
C VAL A 218 -7.42 -14.74 -2.66
N TRP A 219 -6.94 -15.98 -2.57
CA TRP A 219 -5.94 -16.48 -3.53
C TRP A 219 -6.47 -16.36 -4.95
N SER A 220 -7.69 -16.85 -5.18
CA SER A 220 -8.31 -16.81 -6.52
C SER A 220 -8.49 -15.37 -6.96
N ALA A 221 -8.82 -14.49 -6.01
CA ALA A 221 -8.94 -13.05 -6.28
C ALA A 221 -7.60 -12.46 -6.72
N GLY A 222 -6.51 -12.93 -6.11
CA GLY A 222 -5.17 -12.55 -6.53
C GLY A 222 -4.85 -12.98 -7.95
N CYS A 223 -5.27 -14.20 -8.30
CA CYS A 223 -5.08 -14.68 -9.67
C CYS A 223 -5.85 -13.83 -10.66
N VAL A 224 -7.07 -13.42 -10.30
CA VAL A 224 -7.87 -12.53 -11.15
C VAL A 224 -7.13 -11.21 -11.35
N LEU A 225 -6.69 -10.59 -10.25
CA LEU A 225 -5.93 -9.35 -10.31
C LEU A 225 -4.71 -9.47 -11.23
N ALA A 226 -3.84 -10.44 -10.95
CA ALA A 226 -2.67 -10.70 -11.76
C ALA A 226 -3.04 -10.86 -13.24
N GLU A 227 -4.08 -11.63 -13.50
CA GLU A 227 -4.59 -11.85 -14.86
C GLU A 227 -5.00 -10.54 -15.54
N LEU A 228 -5.72 -9.68 -14.82
CA LEU A 228 -6.09 -8.37 -15.36
C LEU A 228 -4.85 -7.54 -15.71
N LEU A 229 -3.76 -7.74 -14.98
CA LEU A 229 -2.54 -6.99 -15.22
C LEU A 229 -1.72 -7.53 -16.39
N LEU A 230 -1.65 -8.86 -16.52
CA LEU A 230 -0.87 -9.53 -17.57
C LEU A 230 -1.57 -9.65 -18.92
N GLY A 231 -2.89 -9.54 -18.91
CA GLY A 231 -3.68 -9.86 -20.10
C GLY A 231 -3.76 -11.37 -20.37
N GLN A 232 -3.35 -12.18 -19.39
CA GLN A 232 -3.47 -13.63 -19.47
C GLN A 232 -3.39 -14.23 -18.06
N PRO A 233 -3.91 -15.45 -17.85
CA PRO A 233 -3.79 -16.12 -16.53
C PRO A 233 -2.35 -16.22 -16.03
N ILE A 234 -2.12 -15.87 -14.78
CA ILE A 234 -0.78 -15.92 -14.21
C ILE A 234 -0.28 -17.37 -14.01
N PHE A 235 -1.18 -18.29 -13.70
CA PHE A 235 -0.83 -19.69 -13.49
C PHE A 235 -1.64 -20.66 -14.38
N PRO A 236 -1.26 -20.77 -15.67
CA PRO A 236 -2.06 -21.62 -16.56
C PRO A 236 -1.64 -23.11 -16.58
N GLY A 237 -1.83 -23.82 -15.47
CA GLY A 237 -1.48 -25.24 -15.40
C GLY A 237 -2.25 -26.13 -16.37
N ASP A 238 -1.54 -27.03 -17.04
CA ASP A 238 -2.15 -28.01 -17.96
C ASP A 238 -2.80 -29.17 -17.21
N SER A 239 -2.64 -29.19 -15.90
CA SER A 239 -3.12 -30.28 -15.05
C SER A 239 -2.90 -29.90 -13.59
N GLY A 240 -3.46 -30.70 -12.67
CA GLY A 240 -3.26 -30.52 -11.23
C GLY A 240 -1.81 -30.33 -10.79
N VAL A 241 -0.94 -31.24 -11.20
CA VAL A 241 0.50 -31.14 -10.88
C VAL A 241 1.16 -29.91 -11.53
N ASP A 242 0.84 -29.70 -12.80
CA ASP A 242 1.41 -28.58 -13.56
C ASP A 242 1.01 -27.23 -12.98
N GLN A 243 -0.18 -27.19 -12.36
CA GLN A 243 -0.64 -26.01 -11.64
C GLN A 243 0.34 -25.59 -10.53
N LEU A 244 0.88 -26.56 -9.79
CA LEU A 244 1.92 -26.27 -8.80
C LEU A 244 3.24 -25.89 -9.46
N VAL A 245 3.63 -26.60 -10.50
CA VAL A 245 4.79 -26.18 -11.30
C VAL A 245 4.66 -24.67 -11.60
N GLU A 246 3.51 -24.26 -12.14
CA GLU A 246 3.27 -22.86 -12.49
C GLU A 246 3.42 -21.90 -11.32
N ILE A 247 2.86 -22.28 -10.16
CA ILE A 247 2.97 -21.50 -8.95
C ILE A 247 4.44 -21.40 -8.50
N ILE A 248 5.14 -22.53 -8.53
CA ILE A 248 6.55 -22.59 -8.12
C ILE A 248 7.44 -21.68 -8.97
N LYS A 249 7.09 -21.50 -10.23
CA LYS A 249 7.86 -20.60 -11.11
C LYS A 249 7.87 -19.17 -10.57
N VAL A 250 6.81 -18.77 -9.89
CA VAL A 250 6.71 -17.43 -9.35
C VAL A 250 7.09 -17.37 -7.87
N LEU A 251 6.42 -18.18 -7.05
CA LEU A 251 6.61 -18.12 -5.61
C LEU A 251 7.83 -18.92 -5.11
N GLY A 252 8.41 -19.76 -5.97
CA GLY A 252 9.42 -20.72 -5.53
C GLY A 252 8.76 -21.84 -4.76
N THR A 253 9.57 -22.69 -4.11
CA THR A 253 9.03 -23.79 -3.32
C THR A 253 8.60 -23.26 -1.96
N PRO A 254 7.58 -23.90 -1.34
CA PRO A 254 7.19 -23.44 0.01
C PRO A 254 8.15 -23.96 1.08
N THR A 255 8.26 -23.24 2.19
CA THR A 255 9.09 -23.70 3.30
C THR A 255 8.37 -24.85 3.99
N ARG A 256 9.07 -25.61 4.82
CA ARG A 256 8.42 -26.61 5.66
C ARG A 256 7.24 -26.04 6.47
N GLU A 257 7.40 -24.82 6.96
N GLU A 257 7.41 -24.83 6.99
CA GLU A 257 6.38 -24.15 7.78
CA GLU A 257 6.37 -24.16 7.76
C GLU A 257 5.15 -23.73 6.95
C GLU A 257 5.15 -23.85 6.89
N GLN A 258 5.40 -23.25 5.73
CA GLN A 258 4.34 -22.96 4.77
C GLN A 258 3.57 -24.23 4.37
N ILE A 259 4.28 -25.35 4.22
CA ILE A 259 3.64 -26.63 3.92
C ILE A 259 2.70 -27.05 5.06
N ARG A 260 3.13 -26.85 6.30
CA ARG A 260 2.32 -27.21 7.46
C ARG A 260 1.07 -26.36 7.56
N GLU A 261 1.22 -25.07 7.28
CA GLU A 261 0.11 -24.13 7.23
C GLU A 261 -0.92 -24.41 6.12
N MET A 262 -0.47 -24.95 4.98
CA MET A 262 -1.37 -25.32 3.88
C MET A 262 -2.08 -26.64 4.16
N ASN A 263 -1.31 -27.66 4.53
CA ASN A 263 -1.87 -28.97 4.83
C ASN A 263 -1.05 -29.69 5.90
N PRO A 264 -1.55 -29.71 7.16
CA PRO A 264 -0.80 -30.29 8.28
C PRO A 264 -0.58 -31.80 8.11
N ASN A 265 -1.45 -32.44 7.33
CA ASN A 265 -1.41 -33.88 7.09
C ASN A 265 -0.51 -34.27 5.94
N TYR A 266 0.15 -33.29 5.34
CA TYR A 266 1.11 -33.58 4.27
C TYR A 266 2.56 -33.35 4.73
N THR A 267 3.42 -34.32 4.42
CA THR A 267 4.85 -34.26 4.75
C THR A 267 5.68 -34.59 3.52
N GLU A 268 6.66 -33.75 3.25
CA GLU A 268 7.69 -34.09 2.29
C GLU A 268 9.04 -33.78 2.92
N PHE A 269 9.72 -34.85 3.35
N PHE A 269 9.74 -34.84 3.35
CA PHE A 269 11.02 -34.77 4.02
CA PHE A 269 11.01 -34.65 4.05
C PHE A 269 12.06 -34.07 3.16
C PHE A 269 12.11 -34.08 3.16
N LYS A 270 12.20 -34.51 1.91
CA LYS A 270 13.26 -34.08 1.01
C LYS A 270 12.73 -33.51 -0.31
N PHE A 271 13.13 -32.28 -0.62
CA PHE A 271 12.84 -31.64 -1.91
C PHE A 271 13.80 -30.47 -2.16
N PRO A 272 14.15 -30.24 -3.44
CA PRO A 272 15.07 -29.14 -3.75
C PRO A 272 14.42 -27.76 -3.59
N GLN A 273 15.01 -26.91 -2.77
N GLN A 273 15.00 -26.92 -2.75
CA GLN A 273 14.47 -25.57 -2.52
CA GLN A 273 14.49 -25.57 -2.56
C GLN A 273 14.74 -24.59 -3.67
C GLN A 273 14.69 -24.71 -3.80
N ILE A 274 13.70 -23.87 -4.08
CA ILE A 274 13.77 -22.91 -5.17
C ILE A 274 13.30 -21.56 -4.67
N LYS A 275 14.08 -20.52 -4.95
CA LYS A 275 13.75 -19.16 -4.54
C LYS A 275 12.63 -18.56 -5.40
N ALA A 276 11.84 -17.70 -4.78
CA ALA A 276 10.83 -16.94 -5.49
C ALA A 276 11.45 -16.09 -6.60
N HIS A 277 10.72 -15.98 -7.71
N HIS A 277 10.75 -15.99 -7.72
CA HIS A 277 10.99 -15.02 -8.76
CA HIS A 277 11.12 -15.03 -8.75
C HIS A 277 10.53 -13.64 -8.26
C HIS A 277 10.51 -13.66 -8.38
N PRO A 278 11.29 -12.57 -8.55
CA PRO A 278 10.83 -11.22 -8.16
C PRO A 278 9.50 -10.80 -8.81
N TRP A 279 8.59 -10.31 -7.98
CA TRP A 279 7.28 -9.85 -8.42
C TRP A 279 7.37 -8.79 -9.52
N THR A 280 8.35 -7.91 -9.43
CA THR A 280 8.48 -6.81 -10.37
C THR A 280 8.88 -7.26 -11.76
N LYS A 281 9.36 -8.51 -11.87
CA LYS A 281 9.68 -9.12 -13.17
C LYS A 281 8.60 -10.06 -13.68
N VAL A 282 7.65 -10.40 -12.81
CA VAL A 282 6.50 -11.21 -13.20
C VAL A 282 5.58 -10.41 -14.12
N PHE A 283 5.49 -9.10 -13.89
CA PHE A 283 4.59 -8.23 -14.64
C PHE A 283 5.35 -7.32 -15.62
N ARG A 284 4.68 -6.86 -16.67
CA ARG A 284 5.28 -5.95 -17.65
C ARG A 284 5.80 -4.71 -16.90
N PRO A 285 6.91 -4.13 -17.39
CA PRO A 285 7.59 -3.04 -16.66
C PRO A 285 6.70 -1.85 -16.24
N ARG A 286 5.71 -1.48 -17.06
CA ARG A 286 4.86 -0.33 -16.72
C ARG A 286 3.68 -0.64 -15.77
N THR A 287 3.62 -1.87 -15.25
CA THR A 287 2.59 -2.23 -14.30
C THR A 287 2.66 -1.33 -13.06
N PRO A 288 1.52 -0.73 -12.67
CA PRO A 288 1.49 0.11 -11.48
C PRO A 288 2.07 -0.63 -10.27
N PRO A 289 3.14 -0.06 -9.67
CA PRO A 289 3.78 -0.72 -8.52
C PRO A 289 2.81 -1.09 -7.41
N GLU A 290 1.73 -0.31 -7.24
CA GLU A 290 0.79 -0.59 -6.16
C GLU A 290 -0.05 -1.83 -6.42
N ALA A 291 -0.36 -2.08 -7.68
CA ALA A 291 -1.00 -3.32 -8.11
C ALA A 291 -0.14 -4.56 -7.80
N ILE A 292 1.17 -4.46 -8.02
CA ILE A 292 2.10 -5.56 -7.76
C ILE A 292 2.20 -5.77 -6.27
N ALA A 293 2.23 -4.67 -5.53
CA ALA A 293 2.34 -4.76 -4.08
C ALA A 293 1.14 -5.47 -3.47
N LEU A 294 -0.06 -5.14 -3.95
CA LEU A 294 -1.29 -5.77 -3.48
C LEU A 294 -1.26 -7.25 -3.85
N CYS A 295 -0.93 -7.53 -5.10
CA CYS A 295 -0.82 -8.90 -5.56
C CYS A 295 0.05 -9.79 -4.65
N SER A 296 1.20 -9.26 -4.21
CA SER A 296 2.14 -10.00 -3.36
C SER A 296 1.59 -10.35 -1.97
N ARG A 297 0.55 -9.64 -1.55
CA ARG A 297 -0.09 -9.91 -0.26
C ARG A 297 -1.34 -10.81 -0.37
N LEU A 298 -1.67 -11.23 -1.61
CA LEU A 298 -2.79 -12.13 -1.88
C LEU A 298 -2.27 -13.51 -2.30
N LEU A 299 -1.23 -13.49 -3.12
CA LEU A 299 -0.65 -14.71 -3.65
C LEU A 299 0.50 -15.14 -2.75
N GLU A 300 0.13 -15.54 -1.52
CA GLU A 300 1.02 -16.12 -0.53
C GLU A 300 0.69 -17.59 -0.37
N TYR A 301 1.71 -18.41 -0.10
CA TYR A 301 1.50 -19.81 0.27
C TYR A 301 0.72 -19.92 1.58
N THR A 302 1.17 -19.19 2.61
CA THR A 302 0.55 -19.26 3.94
C THR A 302 -0.86 -18.67 3.92
N PRO A 303 -1.90 -19.54 4.02
CA PRO A 303 -3.27 -19.04 3.93
C PRO A 303 -3.60 -17.89 4.88
N THR A 304 -3.13 -17.96 6.12
CA THR A 304 -3.42 -16.92 7.11
C THR A 304 -2.66 -15.61 6.86
N ALA A 305 -1.64 -15.62 6.00
CA ALA A 305 -0.90 -14.39 5.73
C ALA A 305 -1.55 -13.57 4.62
N ARG A 306 -2.48 -14.17 3.89
CA ARG A 306 -3.21 -13.41 2.87
C ARG A 306 -4.09 -12.35 3.52
N LEU A 307 -4.18 -11.20 2.87
CA LEU A 307 -5.11 -10.13 3.25
C LEU A 307 -6.53 -10.65 3.32
N THR A 308 -7.30 -10.18 4.30
CA THR A 308 -8.76 -10.39 4.26
C THR A 308 -9.32 -9.47 3.17
N PRO A 309 -10.49 -9.82 2.63
CA PRO A 309 -11.15 -8.95 1.63
C PRO A 309 -11.33 -7.51 2.09
N LEU A 310 -11.72 -7.30 3.35
CA LEU A 310 -11.82 -5.94 3.90
C LEU A 310 -10.48 -5.22 3.91
N GLU A 311 -9.44 -5.91 4.39
CA GLU A 311 -8.08 -5.38 4.35
C GLU A 311 -7.69 -5.03 2.93
N ALA A 312 -8.04 -5.87 1.96
CA ALA A 312 -7.73 -5.59 0.57
C ALA A 312 -8.45 -4.33 0.09
N CYS A 313 -9.72 -4.18 0.46
CA CYS A 313 -10.50 -2.99 0.10
C CYS A 313 -9.84 -1.70 0.58
N ALA A 314 -9.16 -1.77 1.72
CA ALA A 314 -8.53 -0.60 2.34
C ALA A 314 -7.11 -0.30 1.83
N HIS A 315 -6.65 -1.10 0.87
CA HIS A 315 -5.29 -0.99 0.33
C HIS A 315 -5.07 0.31 -0.46
N SER A 316 -3.86 0.86 -0.36
CA SER A 316 -3.43 2.07 -1.08
C SER A 316 -3.80 2.05 -2.54
N PHE A 317 -3.87 0.84 -3.10
CA PHE A 317 -4.14 0.69 -4.52
C PHE A 317 -5.52 1.23 -4.93
N PHE A 318 -6.48 1.17 -4.01
CA PHE A 318 -7.83 1.67 -4.29
C PHE A 318 -8.05 3.13 -3.85
N ASP A 319 -6.97 3.84 -3.53
CA ASP A 319 -7.05 5.25 -3.09
C ASP A 319 -7.78 6.13 -4.11
N GLU A 320 -7.45 5.98 -5.38
CA GLU A 320 -8.12 6.71 -6.45
C GLU A 320 -9.65 6.56 -6.42
N LEU A 321 -10.13 5.40 -5.99
CA LEU A 321 -11.56 5.15 -5.86
C LEU A 321 -12.19 5.98 -4.74
N ARG A 322 -11.40 6.31 -3.72
CA ARG A 322 -11.86 7.13 -2.58
C ARG A 322 -11.75 8.64 -2.83
N ASP A 323 -11.23 9.02 -3.98
CA ASP A 323 -11.06 10.44 -4.34
C ASP A 323 -12.39 11.03 -4.80
N PRO A 324 -12.84 12.12 -4.14
CA PRO A 324 -14.07 12.85 -4.49
C PRO A 324 -14.29 13.06 -5.99
N ASN A 325 -13.22 13.28 -6.74
CA ASN A 325 -13.32 13.69 -8.15
C ASN A 325 -13.22 12.55 -9.19
N VAL A 326 -13.26 11.30 -8.74
CA VAL A 326 -13.02 10.16 -9.63
C VAL A 326 -14.18 9.96 -10.61
N LYS A 327 -13.85 9.65 -11.85
CA LYS A 327 -14.84 9.37 -12.87
C LYS A 327 -14.38 8.23 -13.73
N LEU A 328 -15.33 7.51 -14.32
CA LEU A 328 -15.05 6.52 -15.35
C LEU A 328 -14.50 7.22 -16.61
N PRO A 329 -13.74 6.49 -17.45
CA PRO A 329 -13.27 7.09 -18.70
C PRO A 329 -14.41 7.57 -19.60
N ASN A 330 -15.60 6.98 -19.45
CA ASN A 330 -16.76 7.40 -20.21
C ASN A 330 -17.51 8.63 -19.63
N GLY A 331 -16.89 9.28 -18.64
CA GLY A 331 -17.45 10.49 -18.04
C GLY A 331 -18.41 10.27 -16.90
N ARG A 332 -19.05 9.10 -16.89
CA ARG A 332 -19.99 8.69 -15.82
C ARG A 332 -19.35 8.63 -14.45
N ASP A 333 -20.18 8.80 -13.42
CA ASP A 333 -19.76 8.58 -12.04
C ASP A 333 -19.53 7.08 -11.80
N THR A 334 -18.76 6.75 -10.78
CA THR A 334 -18.55 5.36 -10.42
C THR A 334 -19.81 4.83 -9.71
N PRO A 335 -20.00 3.49 -9.70
CA PRO A 335 -21.08 2.91 -8.92
C PRO A 335 -20.89 3.12 -7.42
N ALA A 336 -21.88 2.71 -6.63
CA ALA A 336 -21.81 2.84 -5.18
C ALA A 336 -20.65 2.00 -4.65
N LEU A 337 -19.77 2.64 -3.90
CA LEU A 337 -18.57 1.98 -3.37
C LEU A 337 -18.51 1.98 -1.86
N PHE A 338 -19.24 2.90 -1.23
CA PHE A 338 -19.05 3.20 0.18
C PHE A 338 -20.22 2.86 1.10
N ASN A 339 -21.25 2.23 0.53
CA ASN A 339 -22.45 1.87 1.30
C ASN A 339 -22.27 0.60 2.11
N PHE A 340 -21.32 0.62 3.05
CA PHE A 340 -21.03 -0.55 3.89
C PHE A 340 -22.08 -0.81 4.97
N THR A 341 -22.36 -2.09 5.22
CA THR A 341 -23.26 -2.48 6.31
C THR A 341 -22.45 -3.14 7.43
N THR A 342 -23.05 -3.19 8.62
CA THR A 342 -22.42 -3.79 9.79
C THR A 342 -22.01 -5.24 9.51
N GLN A 343 -22.82 -5.97 8.74
CA GLN A 343 -22.51 -7.34 8.32
C GLN A 343 -21.20 -7.38 7.54
N GLU A 344 -21.09 -6.45 6.59
CA GLU A 344 -19.92 -6.35 5.72
C GLU A 344 -18.66 -5.91 6.47
N LEU A 345 -18.82 -5.14 7.54
CA LEU A 345 -17.69 -4.62 8.31
C LEU A 345 -17.31 -5.46 9.53
N SER A 346 -18.03 -6.56 9.74
CA SER A 346 -17.95 -7.31 10.99
C SER A 346 -16.58 -7.93 11.33
N SER A 347 -15.74 -8.18 10.31
CA SER A 347 -14.41 -8.75 10.54
C SER A 347 -13.43 -7.72 11.13
N ASN A 348 -13.74 -6.44 10.93
CA ASN A 348 -12.90 -5.35 11.43
C ASN A 348 -13.67 -4.02 11.39
N PRO A 349 -14.64 -3.83 12.30
CA PRO A 349 -15.52 -2.65 12.28
C PRO A 349 -14.79 -1.29 12.26
N PRO A 350 -13.68 -1.14 13.02
CA PRO A 350 -12.93 0.13 12.94
C PRO A 350 -12.48 0.59 11.53
N LEU A 351 -12.15 -0.35 10.64
CA LEU A 351 -11.74 -0.03 9.24
C LEU A 351 -12.71 0.86 8.47
N ALA A 352 -13.94 0.97 8.99
CA ALA A 352 -15.03 1.75 8.39
C ALA A 352 -14.65 3.21 8.15
N THR A 353 -13.94 3.80 9.11
CA THR A 353 -13.55 5.22 9.00
C THR A 353 -12.46 5.49 7.94
N ILE A 354 -11.87 4.42 7.41
CA ILE A 354 -10.91 4.52 6.31
C ILE A 354 -11.59 4.13 5.00
N LEU A 355 -12.43 3.10 5.04
CA LEU A 355 -13.17 2.64 3.87
C LEU A 355 -14.21 3.66 3.40
N ILE A 356 -14.83 4.34 4.34
CA ILE A 356 -15.78 5.40 3.99
C ILE A 356 -15.11 6.77 4.11
N PRO A 357 -14.77 7.38 2.96
CA PRO A 357 -14.15 8.71 2.94
C PRO A 357 -15.10 9.80 3.49
N PRO A 358 -14.55 10.89 4.06
CA PRO A 358 -15.36 11.99 4.61
C PRO A 358 -16.48 12.46 3.67
N HIS A 359 -16.18 12.56 2.37
CA HIS A 359 -17.15 13.03 1.38
C HIS A 359 -18.32 12.07 1.08
N ALA A 360 -18.38 10.95 1.80
CA ALA A 360 -19.38 9.93 1.56
C ALA A 360 -20.36 9.75 2.72
N ARG A 361 -20.02 10.31 3.88
CA ARG A 361 -20.85 10.20 5.08
C ARG A 361 -22.13 11.04 5.00
N LYS B 14 37.86 19.36 34.17
CA LYS B 14 37.69 20.80 33.79
C LYS B 14 36.22 21.13 33.57
N VAL B 15 35.62 21.81 34.54
CA VAL B 15 34.17 22.05 34.54
C VAL B 15 33.82 23.41 33.96
N THR B 16 33.06 23.40 32.86
CA THR B 16 32.48 24.60 32.28
C THR B 16 31.08 24.80 32.88
N THR B 17 30.85 25.98 33.44
CA THR B 17 29.54 26.30 34.03
C THR B 17 28.95 27.57 33.40
N VAL B 18 27.66 27.49 33.07
CA VAL B 18 26.95 28.57 32.38
C VAL B 18 25.54 28.72 32.96
N VAL B 19 24.95 29.89 32.76
CA VAL B 19 23.54 30.07 33.09
C VAL B 19 22.74 29.82 31.81
N ALA B 20 21.90 28.80 31.86
CA ALA B 20 21.17 28.36 30.68
C ALA B 20 19.69 28.28 30.98
N THR B 21 18.89 28.32 29.94
CA THR B 21 17.44 28.22 30.07
C THR B 21 17.00 26.88 29.50
N PRO B 22 16.22 26.11 30.28
CA PRO B 22 15.62 24.85 29.86
C PRO B 22 14.92 24.98 28.51
N GLY B 23 15.01 23.95 27.67
CA GLY B 23 14.36 23.95 26.36
C GLY B 23 12.85 23.94 26.49
N GLN B 24 12.36 23.05 27.35
CA GLN B 24 10.98 23.08 27.84
C GLN B 24 11.07 22.91 29.36
N GLY B 25 10.54 23.87 30.12
CA GLY B 25 9.91 25.07 29.61
C GLY B 25 9.28 25.86 30.74
N PRO B 26 9.88 25.84 31.96
CA PRO B 26 9.44 26.84 32.93
C PRO B 26 9.87 28.25 32.51
N ASP B 27 11.01 28.33 31.81
CA ASP B 27 11.57 29.60 31.30
C ASP B 27 12.52 30.23 32.32
N ARG B 28 12.53 29.71 33.55
CA ARG B 28 13.42 30.17 34.61
C ARG B 28 14.87 29.70 34.39
N PRO B 29 15.82 30.64 34.32
CA PRO B 29 17.24 30.31 34.12
C PRO B 29 17.84 29.54 35.29
N GLN B 30 19.02 28.99 35.05
CA GLN B 30 19.54 27.91 35.87
C GLN B 30 21.02 27.70 35.56
N GLU B 31 21.78 27.36 36.60
N GLU B 31 21.75 27.36 36.61
CA GLU B 31 23.19 27.05 36.46
CA GLU B 31 23.16 26.99 36.52
C GLU B 31 23.35 25.62 35.92
C GLU B 31 23.32 25.60 35.90
N VAL B 32 24.10 25.50 34.83
CA VAL B 32 24.33 24.21 34.17
C VAL B 32 25.83 23.97 33.95
N SER B 33 26.31 22.84 34.47
CA SER B 33 27.73 22.49 34.39
C SER B 33 27.96 21.27 33.48
N TYR B 34 29.06 21.30 32.74
CA TYR B 34 29.41 20.21 31.84
C TYR B 34 30.92 20.03 31.65
N THR B 35 31.32 18.83 31.25
CA THR B 35 32.73 18.45 31.11
C THR B 35 33.00 17.73 29.80
N ASP B 36 34.29 17.49 29.52
CA ASP B 36 34.74 16.68 28.37
C ASP B 36 34.42 17.31 27.00
N THR B 37 34.54 18.63 26.91
CA THR B 37 34.14 19.37 25.70
C THR B 37 35.03 19.07 24.49
N LYS B 38 34.49 18.38 23.50
N LYS B 38 34.50 18.34 23.51
CA LYS B 38 35.22 18.05 22.27
CA LYS B 38 35.22 18.07 22.27
C LYS B 38 34.43 18.35 21.00
C LYS B 38 34.42 18.47 21.03
N VAL B 39 35.12 18.89 19.99
CA VAL B 39 34.50 19.28 18.73
C VAL B 39 34.08 18.06 17.92
N ILE B 40 32.83 18.04 17.45
CA ILE B 40 32.34 16.97 16.58
C ILE B 40 31.96 17.43 15.17
N GLY B 41 32.02 18.73 14.91
CA GLY B 41 31.72 19.25 13.58
C GLY B 41 31.78 20.76 13.40
N ASN B 42 32.27 21.17 12.24
CA ASN B 42 32.35 22.59 11.83
C ASN B 42 31.63 22.79 10.50
N GLY B 43 31.29 24.04 10.21
CA GLY B 43 30.57 24.37 8.97
C GLY B 43 30.15 25.81 8.98
N SER B 44 29.55 26.26 7.86
CA SER B 44 29.17 27.67 7.70
C SER B 44 28.07 28.15 8.66
N PHE B 45 27.38 27.19 9.27
CA PHE B 45 26.39 27.49 10.30
C PHE B 45 27.05 27.90 11.63
N GLY B 46 28.15 27.25 12.00
CA GLY B 46 28.77 27.35 13.32
C GLY B 46 29.50 26.07 13.72
N VAL B 47 29.49 25.75 15.02
CA VAL B 47 30.24 24.60 15.57
C VAL B 47 29.32 23.69 16.42
N VAL B 48 29.56 22.38 16.37
CA VAL B 48 28.87 21.44 17.27
C VAL B 48 29.89 20.75 18.14
N TYR B 49 29.65 20.75 19.46
CA TYR B 49 30.53 20.10 20.42
C TYR B 49 29.82 18.91 21.02
N GLN B 50 30.58 17.92 21.45
CA GLN B 50 30.07 16.95 22.39
C GLN B 50 30.53 17.35 23.79
N ALA B 51 29.69 17.09 24.79
CA ALA B 51 30.04 17.33 26.19
C ALA B 51 29.27 16.39 27.10
N LYS B 52 29.71 16.31 28.35
CA LYS B 52 29.09 15.47 29.36
C LYS B 52 28.57 16.32 30.52
N LEU B 53 27.26 16.23 30.77
CA LEU B 53 26.62 16.93 31.88
C LEU B 53 27.14 16.41 33.22
N CYS B 54 27.63 17.32 34.06
CA CYS B 54 28.12 16.96 35.40
C CYS B 54 27.02 16.45 36.33
N ASP B 55 25.81 16.98 36.11
N ASP B 55 25.81 16.98 36.17
CA ASP B 55 24.65 16.76 36.97
CA ASP B 55 24.71 16.69 37.09
C ASP B 55 24.05 15.35 36.85
C ASP B 55 24.11 15.29 36.91
N SER B 56 24.37 14.65 35.77
CA SER B 56 23.79 13.31 35.48
C SER B 56 24.65 12.39 34.60
N GLY B 57 25.81 12.87 34.15
CA GLY B 57 26.71 12.06 33.33
C GLY B 57 26.28 11.87 31.88
N GLU B 58 25.09 12.37 31.54
CA GLU B 58 24.51 12.22 30.19
C GLU B 58 25.23 13.04 29.14
N LEU B 59 25.35 12.47 27.94
CA LEU B 59 26.06 13.13 26.85
C LEU B 59 25.18 14.14 26.12
N VAL B 60 25.78 15.26 25.75
CA VAL B 60 25.05 16.31 25.06
C VAL B 60 25.83 16.80 23.86
N ALA B 61 25.10 17.37 22.91
CA ALA B 61 25.70 18.07 21.79
C ALA B 61 25.40 19.54 21.98
N ILE B 62 26.40 20.39 21.76
CA ILE B 62 26.16 21.82 21.88
C ILE B 62 26.41 22.47 20.54
N LYS B 63 25.35 23.02 19.97
CA LYS B 63 25.42 23.70 18.69
C LYS B 63 25.59 25.20 18.96
N LYS B 64 26.77 25.72 18.59
CA LYS B 64 27.13 27.12 18.77
C LYS B 64 26.98 27.86 17.46
N VAL B 65 26.07 28.84 17.45
CA VAL B 65 25.79 29.64 16.27
C VAL B 65 25.96 31.11 16.61
N LEU B 66 26.60 31.85 15.71
CA LEU B 66 26.67 33.31 15.78
C LEU B 66 25.27 33.89 15.51
N GLN B 67 24.71 34.54 16.51
CA GLN B 67 23.32 34.98 16.45
C GLN B 67 23.21 36.46 16.81
N ASP B 68 22.30 37.15 16.11
CA ASP B 68 22.16 38.60 16.23
C ASP B 68 20.80 39.04 16.80
N LYS B 69 20.79 39.43 18.08
CA LYS B 69 19.69 40.23 18.65
C LYS B 69 19.82 41.65 18.09
N ARG B 70 18.74 42.39 17.93
CA ARG B 70 17.41 42.08 18.47
C ARG B 70 16.48 41.33 17.50
N PHE B 71 17.03 40.30 16.84
CA PHE B 71 16.26 39.44 15.94
C PHE B 71 16.09 38.05 16.56
N LYS B 72 14.90 37.48 16.40
CA LYS B 72 14.60 36.13 16.86
C LYS B 72 15.42 35.10 16.10
N ASN B 73 15.83 34.03 16.80
CA ASN B 73 16.34 32.86 16.12
C ASN B 73 15.17 31.91 15.82
N ARG B 74 14.96 31.62 14.54
CA ARG B 74 13.89 30.71 14.11
C ARG B 74 14.06 29.31 14.67
N GLU B 75 15.28 28.77 14.53
CA GLU B 75 15.60 27.43 15.00
C GLU B 75 15.23 27.27 16.47
N LEU B 76 15.65 28.24 17.28
N LEU B 76 15.64 28.23 17.28
CA LEU B 76 15.38 28.28 18.71
CA LEU B 76 15.36 28.19 18.72
C LEU B 76 13.89 28.19 19.01
C LEU B 76 13.87 28.20 19.04
N GLN B 77 13.12 29.08 18.38
CA GLN B 77 11.66 29.18 18.63
C GLN B 77 10.94 27.90 18.26
N ILE B 78 11.34 27.31 17.14
CA ILE B 78 10.79 26.05 16.67
C ILE B 78 11.14 24.95 17.67
N MET B 79 12.41 24.89 18.08
CA MET B 79 12.85 23.82 18.97
C MET B 79 12.22 23.83 20.36
N ARG B 80 11.92 25.01 20.89
CA ARG B 80 11.24 25.17 22.20
C ARG B 80 9.83 24.61 22.22
N LYS B 81 9.25 24.46 21.04
CA LYS B 81 7.89 23.91 20.90
C LYS B 81 7.84 22.38 20.86
N LEU B 82 8.97 21.73 20.56
CA LEU B 82 8.93 20.31 20.22
C LEU B 82 9.28 19.36 21.36
N ASP B 83 8.43 18.36 21.55
CA ASP B 83 8.66 17.30 22.50
C ASP B 83 8.16 16.00 21.88
N HIS B 84 9.09 15.23 21.33
CA HIS B 84 8.73 14.03 20.58
C HIS B 84 9.88 13.03 20.55
N CYS B 85 9.56 11.75 20.76
CA CYS B 85 10.54 10.67 20.81
C CYS B 85 11.41 10.57 19.55
N ASN B 86 10.90 11.04 18.42
CA ASN B 86 11.66 11.00 17.17
C ASN B 86 12.27 12.33 16.73
N ILE B 87 12.34 13.29 17.67
CA ILE B 87 12.98 14.57 17.40
C ILE B 87 14.04 14.85 18.46
N VAL B 88 15.23 15.23 18.02
CA VAL B 88 16.30 15.55 18.96
C VAL B 88 15.77 16.58 19.97
N ARG B 89 15.94 16.31 21.25
CA ARG B 89 15.42 17.19 22.28
C ARG B 89 16.37 18.35 22.59
N LEU B 90 15.81 19.55 22.68
CA LEU B 90 16.54 20.70 23.20
C LEU B 90 16.44 20.67 24.73
N ARG B 91 17.55 20.41 25.41
CA ARG B 91 17.55 20.37 26.88
C ARG B 91 17.74 21.75 27.48
N TYR B 92 18.65 22.52 26.89
CA TYR B 92 18.93 23.87 27.37
C TYR B 92 19.31 24.73 26.20
N PHE B 93 19.19 26.05 26.39
CA PHE B 93 19.85 26.97 25.50
C PHE B 93 20.51 28.08 26.28
N PHE B 94 21.59 28.63 25.74
CA PHE B 94 22.26 29.75 26.39
C PHE B 94 23.08 30.62 25.44
N TYR B 95 23.16 31.90 25.79
CA TYR B 95 23.97 32.82 25.03
C TYR B 95 25.32 32.97 25.71
N SER B 96 26.33 33.22 24.89
CA SER B 96 27.68 33.49 25.35
C SER B 96 28.21 34.59 24.44
N SER B 97 29.30 35.22 24.82
CA SER B 97 29.90 36.25 23.97
C SER B 97 31.35 35.92 23.64
N GLY B 98 31.77 36.29 22.44
CA GLY B 98 33.15 36.07 21.98
C GLY B 98 34.17 36.82 22.83
N GLU B 99 34.30 38.12 22.57
CA GLU B 99 35.26 39.03 23.24
C GLU B 99 35.48 40.27 22.38
N LYS B 100 34.81 40.28 21.22
CA LYS B 100 35.02 41.31 20.20
C LYS B 100 33.82 42.25 20.17
N LYS B 101 33.57 42.90 21.32
CA LYS B 101 32.42 43.78 21.53
C LYS B 101 31.09 43.03 21.41
N ASP B 102 30.31 43.37 20.37
CA ASP B 102 29.00 42.74 20.15
C ASP B 102 29.12 41.45 19.32
N GLU B 103 29.81 40.46 19.89
CA GLU B 103 29.90 39.15 19.27
C GLU B 103 29.18 38.15 20.17
N VAL B 104 27.93 37.86 19.83
CA VAL B 104 27.08 36.97 20.63
C VAL B 104 26.82 35.63 19.94
N TYR B 105 26.92 34.55 20.71
CA TYR B 105 26.66 33.22 20.23
C TYR B 105 25.47 32.58 20.95
N LEU B 106 24.60 31.92 20.19
CA LEU B 106 23.54 31.10 20.75
C LEU B 106 23.99 29.64 20.81
N ASN B 107 23.78 29.00 21.95
CA ASN B 107 24.17 27.62 22.17
C ASN B 107 22.95 26.75 22.48
N LEU B 108 22.66 25.82 21.57
CA LEU B 108 21.61 24.82 21.76
C LEU B 108 22.20 23.57 22.36
N VAL B 109 21.71 23.20 23.53
CA VAL B 109 22.16 21.97 24.18
C VAL B 109 21.17 20.86 23.85
N LEU B 110 21.64 19.87 23.10
CA LEU B 110 20.81 18.78 22.60
C LEU B 110 21.22 17.45 23.17
N ASP B 111 20.28 16.51 23.23
CA ASP B 111 20.61 15.10 23.54
C ASP B 111 21.56 14.56 22.51
N TYR B 112 22.65 13.94 22.96
CA TYR B 112 23.64 13.41 22.03
C TYR B 112 23.17 12.07 21.48
N VAL B 113 23.31 11.91 20.16
CA VAL B 113 22.94 10.68 19.50
C VAL B 113 24.11 10.28 18.60
N PRO B 114 24.70 9.10 18.85
CA PRO B 114 26.01 8.70 18.28
C PRO B 114 26.10 8.47 16.77
N GLU B 115 25.02 8.05 16.12
CA GLU B 115 25.11 7.68 14.71
C GLU B 115 24.12 8.47 13.83
N THR B 116 24.26 8.35 12.50
CA THR B 116 23.29 8.91 11.56
C THR B 116 22.87 7.88 10.52
N VAL B 117 21.70 8.09 9.90
CA VAL B 117 21.21 7.23 8.82
C VAL B 117 22.21 7.30 7.69
N TYR B 118 22.80 8.46 7.47
CA TYR B 118 23.88 8.58 6.50
C TYR B 118 25.05 7.62 6.78
N ARG B 119 25.61 7.66 7.98
N ARG B 119 25.61 7.67 7.98
CA ARG B 119 26.78 6.84 8.30
CA ARG B 119 26.77 6.86 8.37
C ARG B 119 26.50 5.34 8.22
C ARG B 119 26.47 5.38 8.17
N VAL B 120 25.33 4.93 8.70
CA VAL B 120 24.90 3.55 8.63
C VAL B 120 24.68 3.04 7.19
N ALA B 121 24.09 3.86 6.33
CA ALA B 121 23.88 3.48 4.93
C ALA B 121 25.19 3.37 4.18
N ARG B 122 26.12 4.29 4.48
CA ARG B 122 27.41 4.33 3.81
C ARG B 122 28.26 3.11 4.19
N HIS B 123 28.14 2.69 5.45
CA HIS B 123 28.78 1.48 5.96
C HIS B 123 28.34 0.23 5.19
N TYR B 124 27.04 0.14 4.92
CA TYR B 124 26.49 -1.00 4.17
C TYR B 124 26.88 -0.93 2.71
N SER B 125 26.90 0.28 2.17
CA SER B 125 27.27 0.52 0.78
C SER B 125 28.76 0.22 0.53
N ARG B 126 29.60 0.54 1.50
CA ARG B 126 31.04 0.27 1.40
C ARG B 126 31.33 -1.23 1.41
N ALA B 127 30.65 -1.95 2.30
CA ALA B 127 30.75 -3.41 2.42
C ALA B 127 29.99 -4.13 1.31
N LYS B 128 29.59 -3.39 0.28
CA LYS B 128 28.80 -3.92 -0.83
C LYS B 128 27.56 -4.72 -0.39
N GLN B 129 26.86 -4.18 0.59
CA GLN B 129 25.59 -4.76 1.05
C GLN B 129 24.48 -3.75 0.89
N THR B 130 23.31 -4.23 0.51
CA THR B 130 22.12 -3.41 0.61
C THR B 130 21.64 -3.39 2.07
N LEU B 131 21.18 -2.23 2.53
CA LEU B 131 20.67 -2.10 3.90
C LEU B 131 19.47 -3.04 4.10
N PRO B 132 19.49 -3.86 5.18
CA PRO B 132 18.42 -4.83 5.41
C PRO B 132 17.06 -4.13 5.47
N VAL B 133 16.09 -4.68 4.76
CA VAL B 133 14.79 -4.05 4.57
C VAL B 133 14.09 -3.66 5.89
N ILE B 134 14.33 -4.43 6.94
CA ILE B 134 13.75 -4.16 8.25
C ILE B 134 14.17 -2.78 8.77
N TYR B 135 15.43 -2.42 8.52
CA TYR B 135 15.99 -1.13 8.94
C TYR B 135 15.43 0.00 8.10
N VAL B 136 15.16 -0.30 6.84
CA VAL B 136 14.53 0.64 5.94
C VAL B 136 13.12 1.02 6.45
N LYS B 137 12.35 0.02 6.85
CA LYS B 137 11.02 0.24 7.35
C LYS B 137 11.07 1.01 8.66
N LEU B 138 11.99 0.64 9.52
CA LEU B 138 12.12 1.22 10.84
C LEU B 138 12.54 2.69 10.80
N TYR B 139 13.51 3.00 9.96
CA TYR B 139 14.02 4.36 9.85
C TYR B 139 12.99 5.24 9.20
N MET B 140 12.41 4.77 8.09
CA MET B 140 11.44 5.56 7.37
C MET B 140 10.18 5.86 8.19
N TYR B 141 9.68 4.86 8.90
CA TYR B 141 8.49 5.02 9.71
C TYR B 141 8.67 6.13 10.74
N GLN B 142 9.78 6.07 11.46
CA GLN B 142 10.09 7.05 12.50
C GLN B 142 10.30 8.44 11.88
N LEU B 143 10.90 8.49 10.69
CA LEU B 143 11.01 9.76 9.98
C LEU B 143 9.62 10.37 9.73
N PHE B 144 8.69 9.58 9.21
CA PHE B 144 7.35 10.08 8.88
C PHE B 144 6.58 10.49 10.11
N ARG B 145 6.80 9.78 11.19
CA ARG B 145 6.17 10.07 12.46
C ARG B 145 6.62 11.45 12.96
N SER B 146 7.91 11.74 12.86
CA SER B 146 8.44 13.03 13.27
C SER B 146 7.96 14.13 12.33
N LEU B 147 7.81 13.80 11.04
CA LEU B 147 7.24 14.71 10.07
C LEU B 147 5.79 15.07 10.39
N ALA B 148 4.96 14.06 10.65
CA ALA B 148 3.58 14.29 11.06
C ALA B 148 3.53 15.21 12.26
N TYR B 149 4.45 14.99 13.19
CA TYR B 149 4.49 15.77 14.40
C TYR B 149 4.77 17.25 14.09
N ILE B 150 5.86 17.53 13.37
CA ILE B 150 6.21 18.92 13.14
C ILE B 150 5.23 19.64 12.21
N HIS B 151 4.69 18.92 11.24
CA HIS B 151 3.72 19.47 10.30
C HIS B 151 2.40 19.87 10.99
N SER B 152 2.04 19.15 12.04
CA SER B 152 0.84 19.49 12.81
C SER B 152 0.91 20.89 13.44
N PHE B 153 2.12 21.46 13.56
CA PHE B 153 2.29 22.86 14.00
C PHE B 153 2.48 23.82 12.84
N GLY B 154 2.32 23.33 11.60
CA GLY B 154 2.71 24.07 10.40
C GLY B 154 4.22 24.28 10.24
N ILE B 155 5.03 23.46 10.91
CA ILE B 155 6.48 23.58 10.77
C ILE B 155 7.02 22.68 9.64
N CYS B 156 7.75 23.27 8.72
CA CYS B 156 8.36 22.55 7.63
C CYS B 156 9.87 22.52 7.83
N HIS B 157 10.45 21.33 7.82
CA HIS B 157 11.88 21.15 8.14
C HIS B 157 12.78 21.81 7.10
N ARG B 158 12.48 21.57 5.83
CA ARG B 158 13.21 22.16 4.70
C ARG B 158 14.62 21.62 4.47
N ASP B 159 15.04 20.59 5.20
CA ASP B 159 16.36 20.00 4.96
C ASP B 159 16.43 18.53 5.37
N ILE B 160 15.43 17.75 4.95
CA ILE B 160 15.42 16.32 5.18
C ILE B 160 16.47 15.63 4.28
N LYS B 161 17.37 14.90 4.92
CA LYS B 161 18.45 14.18 4.24
C LYS B 161 19.08 13.17 5.21
N PRO B 162 19.74 12.11 4.71
CA PRO B 162 20.21 11.04 5.60
C PRO B 162 21.11 11.55 6.73
N GLN B 163 21.95 12.55 6.44
CA GLN B 163 22.81 13.20 7.43
C GLN B 163 22.07 13.88 8.59
N ASN B 164 20.78 14.18 8.39
CA ASN B 164 20.00 14.87 9.41
C ASN B 164 19.11 13.91 10.20
N LEU B 165 19.30 12.62 9.98
CA LEU B 165 18.55 11.63 10.72
C LEU B 165 19.46 10.92 11.71
N LEU B 166 19.34 11.28 12.98
CA LEU B 166 20.20 10.71 14.01
C LEU B 166 19.71 9.34 14.43
N LEU B 167 20.67 8.48 14.78
CA LEU B 167 20.38 7.08 15.03
C LEU B 167 21.10 6.57 16.28
N ASP B 168 20.36 5.95 17.18
CA ASP B 168 20.96 5.13 18.21
C ASP B 168 21.12 3.72 17.65
N PRO B 169 22.37 3.25 17.49
CA PRO B 169 22.62 2.00 16.77
C PRO B 169 22.19 0.74 17.54
N ASP B 170 21.97 0.87 18.85
CA ASP B 170 21.51 -0.25 19.66
C ASP B 170 20.00 -0.39 19.63
N THR B 171 19.28 0.69 19.96
CA THR B 171 17.82 0.69 20.02
C THR B 171 17.12 0.91 18.67
N ALA B 172 17.88 1.39 17.69
CA ALA B 172 17.33 1.85 16.39
C ALA B 172 16.31 3.02 16.49
N VAL B 173 16.38 3.79 17.57
CA VAL B 173 15.62 5.04 17.68
C VAL B 173 16.19 6.04 16.67
N LEU B 174 15.31 6.62 15.86
CA LEU B 174 15.71 7.68 14.95
C LEU B 174 15.27 9.01 15.54
N LYS B 175 16.16 9.99 15.49
CA LYS B 175 15.82 11.36 15.86
C LYS B 175 16.14 12.38 14.76
N LEU B 176 15.12 13.12 14.37
CA LEU B 176 15.30 14.20 13.40
C LEU B 176 16.06 15.35 14.06
N CYS B 177 17.03 15.90 13.34
CA CYS B 177 17.80 17.04 13.86
C CYS B 177 18.09 18.09 12.80
N ASP B 178 18.82 19.12 13.21
CA ASP B 178 19.16 20.28 12.39
C ASP B 178 17.93 21.02 11.89
N PHE B 179 17.32 21.79 12.80
CA PHE B 179 16.20 22.65 12.44
C PHE B 179 16.65 24.04 12.00
N GLY B 180 17.88 24.13 11.50
CA GLY B 180 18.46 25.38 11.03
C GLY B 180 17.89 25.94 9.73
N SER B 181 17.19 25.09 8.96
CA SER B 181 16.50 25.54 7.76
C SER B 181 14.98 25.61 8.00
N ALA B 182 14.54 25.18 9.18
CA ALA B 182 13.13 25.00 9.47
C ALA B 182 12.37 26.33 9.51
N LYS B 183 11.07 26.28 9.23
CA LYS B 183 10.21 27.45 9.24
C LYS B 183 8.74 27.11 9.43
N GLN B 184 8.06 27.89 10.25
CA GLN B 184 6.61 27.76 10.39
C GLN B 184 5.96 28.42 9.17
N LEU B 185 5.46 27.56 8.29
CA LEU B 185 4.80 27.99 7.06
C LEU B 185 3.43 28.58 7.32
N VAL B 186 3.22 29.77 6.76
CA VAL B 186 1.96 30.46 6.86
C VAL B 186 1.45 30.65 5.44
N ARG B 187 0.30 30.06 5.16
CA ARG B 187 -0.29 30.18 3.83
C ARG B 187 -0.48 31.65 3.48
N GLY B 188 -0.03 32.03 2.29
CA GLY B 188 -0.12 33.42 1.85
C GLY B 188 1.17 34.19 1.99
N GLU B 189 2.01 33.81 2.95
CA GLU B 189 3.31 34.46 3.15
C GLU B 189 4.39 33.69 2.41
N PRO B 190 5.06 34.35 1.44
CA PRO B 190 6.07 33.71 0.59
C PRO B 190 7.29 33.15 1.35
N ASN B 191 7.83 32.05 0.82
CA ASN B 191 8.99 31.36 1.37
C ASN B 191 10.05 31.26 0.29
N VAL B 192 11.32 31.20 0.69
CA VAL B 192 12.44 31.17 -0.25
C VAL B 192 12.53 29.84 -1.00
N SER B 193 12.90 29.91 -2.28
CA SER B 193 12.92 28.76 -3.18
C SER B 193 14.20 27.93 -3.11
N ILE B 195 16.24 26.27 -1.27
CA ILE B 195 16.26 25.69 0.06
C ILE B 195 16.32 24.16 -0.11
N CYS B 196 16.70 23.46 0.97
N CYS B 196 16.76 23.47 0.96
CA CYS B 196 16.96 22.01 0.96
CA CYS B 196 16.93 22.02 0.96
C CYS B 196 18.31 21.72 0.33
C CYS B 196 18.20 21.61 0.22
N SER B 197 18.87 20.56 0.68
CA SER B 197 20.07 20.04 0.00
C SER B 197 19.65 19.56 -1.38
N ARG B 198 20.47 19.89 -2.37
CA ARG B 198 20.14 19.67 -3.77
C ARG B 198 19.48 18.31 -4.09
N TYR B 199 20.11 17.20 -3.69
CA TYR B 199 19.60 15.87 -4.10
C TYR B 199 18.20 15.57 -3.57
N TYR B 200 17.78 16.28 -2.52
CA TYR B 200 16.55 16.02 -1.79
C TYR B 200 15.52 17.12 -1.99
N ARG B 201 15.86 18.05 -2.88
CA ARG B 201 15.06 19.24 -3.12
C ARG B 201 13.87 18.89 -4.03
N ALA B 202 12.66 19.23 -3.58
CA ALA B 202 11.43 18.98 -4.34
C ALA B 202 11.37 19.78 -5.66
N PRO B 203 10.76 19.22 -6.73
CA PRO B 203 10.81 19.90 -8.03
C PRO B 203 10.13 21.28 -8.03
N GLU B 204 9.05 21.47 -7.26
CA GLU B 204 8.44 22.79 -7.14
C GLU B 204 9.43 23.86 -6.68
N LEU B 205 10.36 23.49 -5.80
CA LEU B 205 11.43 24.40 -5.39
C LEU B 205 12.34 24.78 -6.56
N ILE B 206 12.69 23.79 -7.40
CA ILE B 206 13.49 24.04 -8.59
C ILE B 206 12.74 24.94 -9.58
N PHE B 207 11.43 24.77 -9.65
CA PHE B 207 10.58 25.61 -10.50
C PHE B 207 10.31 27.00 -9.89
N GLY B 208 10.93 27.29 -8.74
CA GLY B 208 10.90 28.65 -8.17
C GLY B 208 9.70 28.99 -7.29
N ALA B 209 8.87 28.01 -6.97
CA ALA B 209 7.71 28.25 -6.11
C ALA B 209 8.09 28.93 -4.80
N THR B 210 7.22 29.82 -4.34
CA THR B 210 7.40 30.50 -3.06
C THR B 210 6.20 30.20 -2.18
N ASP B 211 5.21 29.53 -2.77
CA ASP B 211 3.95 29.23 -2.10
C ASP B 211 3.84 27.72 -1.76
N TYR B 212 4.98 27.09 -1.48
CA TYR B 212 5.01 25.67 -1.27
C TYR B 212 4.61 25.31 0.14
N THR B 213 4.29 24.03 0.36
CA THR B 213 3.85 23.56 1.65
C THR B 213 4.85 22.57 2.26
N SER B 214 4.48 21.99 3.38
CA SER B 214 5.30 20.99 4.05
C SER B 214 5.42 19.65 3.29
N SER B 215 4.66 19.48 2.22
CA SER B 215 4.81 18.30 1.35
C SER B 215 6.19 18.26 0.66
N ILE B 216 6.96 19.34 0.76
CA ILE B 216 8.35 19.32 0.28
C ILE B 216 9.23 18.40 1.12
N ASP B 217 8.90 18.24 2.41
CA ASP B 217 9.58 17.29 3.28
C ASP B 217 9.26 15.84 2.88
N VAL B 218 8.06 15.61 2.36
CA VAL B 218 7.62 14.27 1.97
C VAL B 218 8.39 13.83 0.72
N TRP B 219 8.53 14.74 -0.24
CA TRP B 219 9.41 14.51 -1.36
C TRP B 219 10.82 14.14 -0.89
N SER B 220 11.36 14.90 0.07
CA SER B 220 12.71 14.63 0.57
C SER B 220 12.77 13.26 1.27
N ALA B 221 11.73 12.96 2.05
CA ALA B 221 11.57 11.65 2.65
C ALA B 221 11.58 10.55 1.58
N GLY B 222 10.84 10.77 0.51
CA GLY B 222 10.84 9.88 -0.65
C GLY B 222 12.22 9.66 -1.22
N CYS B 223 13.04 10.71 -1.28
CA CYS B 223 14.42 10.59 -1.76
C CYS B 223 15.29 9.80 -0.78
N VAL B 224 15.02 9.91 0.51
CA VAL B 224 15.75 9.11 1.50
C VAL B 224 15.35 7.63 1.34
N LEU B 225 14.06 7.34 1.28
CA LEU B 225 13.59 5.97 0.99
C LEU B 225 14.32 5.38 -0.23
N ALA B 226 14.18 6.04 -1.39
CA ALA B 226 14.79 5.55 -2.64
C ALA B 226 16.28 5.27 -2.48
N GLU B 227 16.97 6.15 -1.76
CA GLU B 227 18.41 6.05 -1.53
C GLU B 227 18.76 4.80 -0.71
N LEU B 228 17.96 4.51 0.31
CA LEU B 228 18.18 3.31 1.11
C LEU B 228 17.98 2.02 0.31
N LEU B 229 17.16 2.09 -0.73
CA LEU B 229 16.87 0.92 -1.56
C LEU B 229 17.94 0.74 -2.63
N LEU B 230 18.50 1.86 -3.08
CA LEU B 230 19.46 1.85 -4.17
C LEU B 230 20.92 1.75 -3.71
N GLY B 231 21.17 2.06 -2.44
CA GLY B 231 22.53 2.17 -1.91
C GLY B 231 23.27 3.44 -2.34
N GLN B 232 22.53 4.40 -2.91
CA GLN B 232 23.07 5.69 -3.39
C GLN B 232 21.92 6.69 -3.67
N PRO B 233 22.23 7.99 -3.79
CA PRO B 233 21.17 8.96 -4.09
C PRO B 233 20.45 8.70 -5.41
N ILE B 234 19.12 8.82 -5.40
CA ILE B 234 18.33 8.63 -6.61
C ILE B 234 18.51 9.80 -7.57
N PHE B 235 18.63 11.01 -7.03
CA PHE B 235 18.77 12.19 -7.88
C PHE B 235 20.06 13.00 -7.65
N PRO B 236 21.20 12.49 -8.16
CA PRO B 236 22.49 13.11 -7.88
C PRO B 236 22.85 14.23 -8.87
N GLY B 237 22.07 15.31 -8.85
CA GLY B 237 22.30 16.42 -9.78
C GLY B 237 23.59 17.17 -9.53
N ASP B 238 24.31 17.48 -10.60
CA ASP B 238 25.57 18.24 -10.53
C ASP B 238 25.33 19.74 -10.32
N SER B 239 24.08 20.17 -10.51
CA SER B 239 23.69 21.57 -10.33
C SER B 239 22.16 21.65 -10.23
N GLY B 240 21.67 22.87 -10.00
CA GLY B 240 20.24 23.11 -9.90
C GLY B 240 19.49 22.65 -11.12
N VAL B 241 19.98 23.01 -12.30
CA VAL B 241 19.33 22.61 -13.54
C VAL B 241 19.48 21.09 -13.72
N ASP B 242 20.68 20.60 -13.41
CA ASP B 242 20.95 19.17 -13.53
C ASP B 242 20.11 18.33 -12.59
N GLN B 243 19.66 18.93 -11.49
CA GLN B 243 18.76 18.25 -10.57
C GLN B 243 17.43 17.92 -11.24
N LEU B 244 16.87 18.86 -12.00
CA LEU B 244 15.63 18.62 -12.71
C LEU B 244 15.81 17.56 -13.80
N VAL B 245 16.98 17.60 -14.45
CA VAL B 245 17.38 16.60 -15.43
C VAL B 245 17.29 15.18 -14.84
N GLU B 246 17.95 14.97 -13.70
CA GLU B 246 17.93 13.68 -12.99
C GLU B 246 16.50 13.26 -12.67
N ILE B 247 15.68 14.21 -12.21
CA ILE B 247 14.26 13.96 -11.94
C ILE B 247 13.51 13.56 -13.21
N ILE B 248 13.72 14.29 -14.30
CA ILE B 248 13.05 13.99 -15.58
C ILE B 248 13.42 12.58 -16.09
N LYS B 249 14.67 12.19 -15.91
CA LYS B 249 15.11 10.82 -16.20
C LYS B 249 14.25 9.73 -15.55
N VAL B 250 13.60 10.04 -14.42
CA VAL B 250 12.73 9.06 -13.74
C VAL B 250 11.25 9.39 -13.94
N LEU B 251 10.85 10.62 -13.62
CA LEU B 251 9.45 11.01 -13.68
C LEU B 251 8.97 11.37 -15.08
N GLY B 252 9.90 11.64 -16.00
CA GLY B 252 9.57 12.24 -17.28
C GLY B 252 9.29 13.73 -17.10
N THR B 253 8.85 14.39 -18.17
CA THR B 253 8.48 15.79 -18.05
C THR B 253 7.14 15.91 -17.35
N PRO B 254 6.91 17.03 -16.64
CA PRO B 254 5.61 17.22 -16.02
C PRO B 254 4.56 17.67 -17.04
N THR B 255 3.29 17.42 -16.72
CA THR B 255 2.18 17.90 -17.51
C THR B 255 1.94 19.36 -17.16
N ARG B 256 1.21 20.05 -18.04
CA ARG B 256 0.80 21.43 -17.83
C ARG B 256 0.09 21.56 -16.48
N GLU B 257 -0.78 20.60 -16.19
CA GLU B 257 -1.47 20.58 -14.90
C GLU B 257 -0.48 20.46 -13.73
N GLN B 258 0.46 19.52 -13.81
CA GLN B 258 1.44 19.33 -12.75
C GLN B 258 2.32 20.56 -12.49
N ILE B 259 2.66 21.26 -13.58
CA ILE B 259 3.45 22.49 -13.51
C ILE B 259 2.68 23.54 -12.73
N ARG B 260 1.38 23.62 -12.98
CA ARG B 260 0.54 24.61 -12.34
C ARG B 260 0.44 24.31 -10.85
N GLU B 261 0.36 23.02 -10.52
CA GLU B 261 0.32 22.55 -9.13
C GLU B 261 1.62 22.86 -8.38
N MET B 262 2.74 22.81 -9.11
CA MET B 262 4.07 23.06 -8.54
C MET B 262 4.34 24.53 -8.32
N ASN B 263 4.07 25.34 -9.35
CA ASN B 263 4.24 26.79 -9.28
C ASN B 263 3.29 27.45 -10.29
N PRO B 264 2.15 27.97 -9.81
CA PRO B 264 1.22 28.64 -10.72
C PRO B 264 1.80 29.88 -11.42
N ASN B 265 2.88 30.44 -10.90
CA ASN B 265 3.52 31.60 -11.52
C ASN B 265 4.57 31.25 -12.56
N TYR B 266 4.64 29.97 -12.92
CA TYR B 266 5.52 29.51 -13.99
C TYR B 266 4.70 28.96 -15.15
N THR B 267 5.04 29.39 -16.36
CA THR B 267 4.46 28.81 -17.56
C THR B 267 5.54 28.53 -18.60
N GLU B 268 5.40 27.40 -19.27
CA GLU B 268 6.19 27.07 -20.43
C GLU B 268 5.23 26.46 -21.46
N PHE B 269 4.95 27.22 -22.51
N PHE B 269 4.95 27.18 -22.54
CA PHE B 269 4.05 26.82 -23.60
CA PHE B 269 3.97 26.73 -23.55
C PHE B 269 4.36 25.44 -24.19
C PHE B 269 4.35 25.39 -24.21
N LYS B 270 5.49 25.35 -24.87
CA LYS B 270 5.93 24.12 -25.52
C LYS B 270 7.26 23.62 -24.96
N PHE B 271 7.36 22.30 -24.88
CA PHE B 271 8.60 21.63 -24.53
C PHE B 271 8.53 20.20 -25.04
N PRO B 272 9.68 19.63 -25.42
CA PRO B 272 9.77 18.22 -25.75
C PRO B 272 9.35 17.32 -24.58
N GLN B 273 8.41 16.42 -24.87
CA GLN B 273 7.92 15.47 -23.86
C GLN B 273 8.86 14.29 -23.68
N ILE B 274 9.13 13.95 -22.44
CA ILE B 274 9.82 12.71 -22.11
C ILE B 274 8.89 11.89 -21.23
N LYS B 275 8.81 10.59 -21.49
N LYS B 275 8.83 10.58 -21.47
CA LYS B 275 7.96 9.72 -20.67
CA LYS B 275 7.97 9.69 -20.70
C LYS B 275 8.72 9.22 -19.45
C LYS B 275 8.71 9.17 -19.47
N ALA B 276 7.96 8.90 -18.41
CA ALA B 276 8.50 8.39 -17.15
C ALA B 276 9.21 7.06 -17.38
N HIS B 277 10.27 6.82 -16.61
CA HIS B 277 10.92 5.51 -16.59
C HIS B 277 10.13 4.65 -15.59
N PRO B 278 9.86 3.37 -15.93
CA PRO B 278 9.03 2.54 -15.01
C PRO B 278 9.65 2.37 -13.63
N TRP B 279 8.87 2.61 -12.58
CA TRP B 279 9.36 2.46 -11.21
C TRP B 279 10.04 1.10 -10.94
N THR B 280 9.52 0.03 -11.55
CA THR B 280 10.09 -1.30 -11.32
C THR B 280 11.47 -1.49 -11.95
N LYS B 281 11.82 -0.62 -12.90
CA LYS B 281 13.14 -0.64 -13.51
C LYS B 281 14.13 0.32 -12.85
N VAL B 282 13.62 1.30 -12.11
CA VAL B 282 14.47 2.24 -11.35
C VAL B 282 15.19 1.49 -10.22
N PHE B 283 14.46 0.57 -9.57
CA PHE B 283 15.06 -0.19 -8.48
C PHE B 283 15.49 -1.57 -8.97
N ARG B 284 16.37 -2.20 -8.21
CA ARG B 284 16.87 -3.53 -8.53
C ARG B 284 15.74 -4.56 -8.39
N PRO B 285 15.82 -5.68 -9.15
CA PRO B 285 14.79 -6.73 -9.10
C PRO B 285 14.39 -7.22 -7.69
N ARG B 286 15.33 -7.33 -6.76
CA ARG B 286 15.03 -7.84 -5.41
C ARG B 286 14.36 -6.82 -4.47
N THR B 287 14.13 -5.60 -4.94
CA THR B 287 13.51 -4.56 -4.12
C THR B 287 12.06 -4.96 -3.79
N PRO B 288 11.69 -4.98 -2.50
CA PRO B 288 10.30 -5.32 -2.13
C PRO B 288 9.28 -4.45 -2.86
N PRO B 289 8.28 -5.07 -3.50
CA PRO B 289 7.28 -4.30 -4.28
C PRO B 289 6.55 -3.22 -3.47
N GLU B 290 6.31 -3.45 -2.18
CA GLU B 290 5.65 -2.45 -1.33
C GLU B 290 6.52 -1.19 -1.15
N ALA B 291 7.83 -1.37 -1.13
CA ALA B 291 8.80 -0.28 -1.02
C ALA B 291 8.75 0.64 -2.24
N ILE B 292 8.69 0.02 -3.41
CA ILE B 292 8.58 0.72 -4.68
C ILE B 292 7.24 1.43 -4.70
N ALA B 293 6.20 0.74 -4.28
CA ALA B 293 4.85 1.31 -4.28
C ALA B 293 4.79 2.57 -3.42
N LEU B 294 5.28 2.48 -2.18
CA LEU B 294 5.33 3.63 -1.30
C LEU B 294 6.11 4.78 -1.97
N CYS B 295 7.28 4.46 -2.50
CA CYS B 295 8.11 5.43 -3.18
C CYS B 295 7.37 6.17 -4.29
N SER B 296 6.56 5.45 -5.06
CA SER B 296 5.81 6.03 -6.18
C SER B 296 4.71 7.00 -5.70
N ARG B 297 4.35 6.89 -4.43
CA ARG B 297 3.33 7.76 -3.85
C ARG B 297 3.97 8.96 -3.16
N LEU B 298 5.29 8.95 -3.10
CA LEU B 298 6.03 10.04 -2.47
C LEU B 298 6.67 10.96 -3.53
N LEU B 299 7.27 10.36 -4.55
CA LEU B 299 7.96 11.12 -5.58
C LEU B 299 7.02 11.41 -6.75
N GLU B 300 6.09 12.33 -6.48
CA GLU B 300 5.13 12.84 -7.45
C GLU B 300 5.43 14.32 -7.71
N TYR B 301 5.24 14.76 -8.95
CA TYR B 301 5.32 16.19 -9.27
C TYR B 301 4.27 16.99 -8.51
N THR B 302 3.03 16.50 -8.53
CA THR B 302 1.91 17.22 -7.93
C THR B 302 1.99 17.13 -6.40
N PRO B 303 2.34 18.26 -5.75
CA PRO B 303 2.62 18.26 -4.31
C PRO B 303 1.47 17.77 -3.45
N THR B 304 0.24 18.11 -3.82
CA THR B 304 -0.94 17.65 -3.07
C THR B 304 -1.22 16.16 -3.30
N ALA B 305 -0.60 15.58 -4.34
CA ALA B 305 -0.79 14.15 -4.65
C ALA B 305 0.09 13.23 -3.79
N ARG B 306 1.13 13.79 -3.17
CA ARG B 306 1.99 13.02 -2.27
C ARG B 306 1.23 12.63 -0.99
N LEU B 307 1.54 11.45 -0.47
CA LEU B 307 1.06 11.01 0.83
C LEU B 307 1.41 12.01 1.93
N THR B 308 0.50 12.18 2.88
CA THR B 308 0.83 12.84 4.14
C THR B 308 1.70 11.86 4.93
N PRO B 309 2.55 12.39 5.83
CA PRO B 309 3.34 11.57 6.73
C PRO B 309 2.53 10.49 7.48
N LEU B 310 1.34 10.84 7.97
CA LEU B 310 0.50 9.86 8.67
C LEU B 310 0.02 8.76 7.74
N GLU B 311 -0.36 9.13 6.52
CA GLU B 311 -0.76 8.14 5.51
C GLU B 311 0.42 7.23 5.19
N ALA B 312 1.62 7.82 5.12
CA ALA B 312 2.82 7.08 4.82
C ALA B 312 3.09 6.05 5.92
N CYS B 313 2.89 6.44 7.19
CA CYS B 313 3.04 5.52 8.31
C CYS B 313 2.12 4.32 8.18
N ALA B 314 0.95 4.54 7.56
CA ALA B 314 -0.11 3.55 7.50
C ALA B 314 0.01 2.66 6.25
N HIS B 315 1.01 2.95 5.43
CA HIS B 315 1.24 2.20 4.20
C HIS B 315 1.63 0.76 4.53
N SER B 316 1.21 -0.17 3.67
CA SER B 316 1.42 -1.59 3.92
C SER B 316 2.91 -1.96 4.02
N PHE B 317 3.79 -1.13 3.46
CA PHE B 317 5.24 -1.36 3.57
C PHE B 317 5.67 -1.46 5.02
N PHE B 318 4.91 -0.80 5.89
CA PHE B 318 5.25 -0.82 7.30
C PHE B 318 4.54 -1.90 8.11
N ASP B 319 3.73 -2.74 7.46
CA ASP B 319 2.96 -3.79 8.17
C ASP B 319 3.82 -4.68 9.08
N GLU B 320 5.02 -5.09 8.63
CA GLU B 320 5.91 -5.90 9.45
C GLU B 320 6.19 -5.29 10.84
N LEU B 321 6.28 -3.97 10.91
CA LEU B 321 6.50 -3.27 12.19
C LEU B 321 5.29 -3.42 13.12
N ARG B 322 4.11 -3.64 12.55
CA ARG B 322 2.88 -3.79 13.34
C ARG B 322 2.63 -5.23 13.80
N ASP B 323 3.51 -6.14 13.37
CA ASP B 323 3.47 -7.54 13.76
C ASP B 323 3.98 -7.66 15.19
N PRO B 324 3.22 -8.33 16.08
CA PRO B 324 3.63 -8.48 17.48
C PRO B 324 4.98 -9.21 17.68
N ASN B 325 5.40 -10.00 16.70
CA ASN B 325 6.60 -10.83 16.83
C ASN B 325 7.90 -10.23 16.31
N VAL B 326 7.83 -9.00 15.79
CA VAL B 326 8.98 -8.42 15.11
C VAL B 326 10.19 -8.23 16.04
N LYS B 327 11.37 -8.50 15.51
CA LYS B 327 12.62 -8.28 16.23
C LYS B 327 13.60 -7.53 15.35
N LEU B 328 14.45 -6.73 15.97
CA LEU B 328 15.61 -6.18 15.27
C LEU B 328 16.59 -7.31 14.95
N PRO B 329 17.37 -7.17 13.86
CA PRO B 329 18.43 -8.14 13.56
C PRO B 329 19.44 -8.36 14.68
N ASN B 330 19.54 -7.42 15.61
CA ASN B 330 20.42 -7.53 16.76
C ASN B 330 19.77 -8.22 17.95
N GLY B 331 18.54 -8.71 17.76
CA GLY B 331 17.83 -9.48 18.79
C GLY B 331 16.92 -8.67 19.67
N ARG B 332 17.14 -7.35 19.71
CA ARG B 332 16.32 -6.45 20.53
C ARG B 332 14.91 -6.29 19.99
N ASP B 333 14.02 -5.86 20.87
CA ASP B 333 12.71 -5.41 20.48
C ASP B 333 12.76 -4.12 19.66
N THR B 334 11.73 -3.89 18.85
CA THR B 334 11.60 -2.61 18.18
C THR B 334 11.38 -1.52 19.22
N PRO B 335 11.83 -0.29 18.92
CA PRO B 335 11.52 0.85 19.80
C PRO B 335 10.02 1.16 19.81
N ALA B 336 9.63 2.15 20.60
CA ALA B 336 8.23 2.54 20.71
C ALA B 336 7.78 3.08 19.35
N LEU B 337 6.74 2.48 18.80
CA LEU B 337 6.30 2.83 17.45
C LEU B 337 4.86 3.27 17.42
N PHE B 338 4.11 2.92 18.46
CA PHE B 338 2.66 3.06 18.46
C PHE B 338 2.09 3.94 19.57
N ASN B 339 2.97 4.55 20.38
CA ASN B 339 2.52 5.45 21.43
C ASN B 339 2.13 6.81 20.86
N PHE B 340 1.13 6.80 19.97
CA PHE B 340 0.69 8.05 19.34
C PHE B 340 -0.11 8.90 20.32
N THR B 341 0.24 10.18 20.40
CA THR B 341 -0.63 11.14 21.08
C THR B 341 -1.72 11.63 20.13
N THR B 342 -2.71 12.32 20.69
CA THR B 342 -3.81 12.91 19.93
C THR B 342 -3.33 14.08 19.05
N GLN B 343 -2.32 14.81 19.53
CA GLN B 343 -1.64 15.85 18.74
C GLN B 343 -1.02 15.28 17.45
N GLU B 344 -0.44 14.09 17.55
CA GLU B 344 0.12 13.38 16.39
C GLU B 344 -0.95 12.96 15.40
N LEU B 345 -2.08 12.52 15.93
CA LEU B 345 -3.19 12.02 15.12
C LEU B 345 -4.18 13.10 14.68
N SER B 346 -3.79 14.36 14.90
CA SER B 346 -4.70 15.51 14.71
C SER B 346 -5.22 15.60 13.29
N SER B 347 -4.32 15.43 12.32
CA SER B 347 -4.66 15.61 10.92
C SER B 347 -5.55 14.50 10.34
N ASN B 348 -5.77 13.41 11.10
CA ASN B 348 -6.44 12.19 10.58
C ASN B 348 -6.65 11.06 11.60
N PRO B 349 -7.59 11.24 12.55
CA PRO B 349 -7.92 10.17 13.54
C PRO B 349 -8.36 8.79 12.98
N PRO B 350 -9.15 8.73 11.89
CA PRO B 350 -9.51 7.40 11.34
C PRO B 350 -8.31 6.47 11.07
N LEU B 351 -7.10 7.04 10.97
CA LEU B 351 -5.92 6.23 10.70
C LEU B 351 -5.40 5.44 11.89
N ALA B 352 -5.91 5.73 13.08
CA ALA B 352 -5.53 5.02 14.31
C ALA B 352 -5.80 3.51 14.22
N THR B 353 -6.82 3.15 13.44
CA THR B 353 -7.17 1.75 13.20
C THR B 353 -6.00 0.97 12.61
N ILE B 354 -5.34 1.54 11.61
CA ILE B 354 -4.13 0.95 11.08
C ILE B 354 -2.97 1.19 12.03
N LEU B 355 -2.78 2.45 12.43
CA LEU B 355 -1.54 2.88 13.09
C LEU B 355 -1.28 2.23 14.44
N ILE B 356 -2.34 1.98 15.20
CA ILE B 356 -2.20 1.32 16.50
C ILE B 356 -2.75 -0.11 16.41
N PRO B 357 -1.85 -1.09 16.35
CA PRO B 357 -2.25 -2.49 16.17
C PRO B 357 -2.91 -3.04 17.45
N PRO B 358 -3.75 -4.11 17.31
CA PRO B 358 -4.52 -4.71 18.41
C PRO B 358 -3.70 -4.87 19.68
N HIS B 359 -2.56 -5.55 19.56
CA HIS B 359 -1.72 -5.89 20.69
C HIS B 359 -1.10 -4.69 21.43
N ALA B 360 -1.25 -3.50 20.87
CA ALA B 360 -0.62 -2.30 21.44
C ALA B 360 -1.61 -1.35 22.13
N ARG B 361 -2.90 -1.71 22.09
CA ARG B 361 -3.94 -0.92 22.75
C ARG B 361 -4.09 -1.32 24.21
N ILE B 362 -4.77 -2.43 24.46
N PRO C 5 -3.15 -35.57 -14.22
CA PRO C 5 -2.86 -35.43 -12.79
C PRO C 5 -4.09 -35.23 -11.90
N HIS C 6 -4.85 -36.31 -11.72
CA HIS C 6 -5.92 -36.38 -10.73
C HIS C 6 -5.65 -37.62 -9.88
N ARG C 7 -5.35 -38.74 -10.56
CA ARG C 7 -4.78 -39.92 -9.91
C ARG C 7 -3.29 -39.70 -9.67
N LEU C 8 -2.62 -39.09 -10.64
CA LEU C 8 -1.20 -38.74 -10.50
C LEU C 8 -1.00 -37.81 -9.30
N LEU C 9 -1.78 -36.73 -9.24
CA LEU C 9 -1.77 -35.83 -8.11
C LEU C 9 -2.05 -36.55 -6.78
N GLN C 10 -3.10 -37.38 -6.75
CA GLN C 10 -3.46 -38.19 -5.57
C GLN C 10 -2.27 -39.04 -5.11
N GLN C 11 -1.61 -39.67 -6.08
CA GLN C 11 -0.45 -40.50 -5.80
C GLN C 11 0.71 -39.68 -5.25
N LEU C 12 0.93 -38.50 -5.84
CA LEU C 12 2.00 -37.59 -5.44
C LEU C 12 1.76 -37.07 -4.03
N VAL C 13 0.50 -36.81 -3.71
CA VAL C 13 0.12 -36.31 -2.39
C VAL C 13 0.26 -37.43 -1.35
N LEU C 14 -0.22 -38.62 -1.69
CA LEU C 14 -0.18 -39.76 -0.76
C LEU C 14 1.24 -40.24 -0.52
N SER C 15 2.08 -40.13 -1.55
CA SER C 15 3.46 -40.65 -1.49
C SER C 15 4.46 -39.67 -0.90
N GLY C 16 4.05 -38.42 -0.73
CA GLY C 16 4.95 -37.36 -0.24
C GLY C 16 5.98 -36.91 -1.26
N ASN C 17 5.60 -36.90 -2.54
CA ASN C 17 6.56 -36.58 -3.62
C ASN C 17 6.17 -35.41 -4.51
N LEU C 18 5.11 -34.72 -4.13
CA LEU C 18 4.52 -33.67 -4.95
C LEU C 18 5.52 -32.59 -5.36
N ILE C 19 6.19 -32.00 -4.37
CA ILE C 19 7.12 -30.90 -4.60
C ILE C 19 8.35 -31.35 -5.43
N LYS C 20 8.88 -32.51 -5.07
CA LYS C 20 9.96 -33.18 -5.80
C LYS C 20 9.59 -33.35 -7.27
N GLU C 21 8.38 -33.84 -7.54
CA GLU C 21 7.95 -34.06 -8.91
C GLU C 21 7.66 -32.74 -9.65
N ALA C 22 7.01 -31.80 -8.97
CA ALA C 22 6.78 -30.48 -9.58
C ALA C 22 8.10 -29.79 -9.92
N VAL C 23 9.08 -29.86 -9.02
CA VAL C 23 10.40 -29.30 -9.27
C VAL C 23 11.08 -29.96 -10.48
N ARG C 24 11.04 -31.28 -10.54
CA ARG C 24 11.53 -32.01 -11.71
C ARG C 24 10.93 -31.47 -13.03
N ARG C 25 9.60 -31.31 -13.05
CA ARG C 25 8.87 -30.84 -14.24
C ARG C 25 9.19 -29.39 -14.60
N LEU C 26 9.70 -28.65 -13.63
CA LEU C 26 10.15 -27.29 -13.86
C LEU C 26 11.33 -27.33 -14.82
N HIS C 27 12.21 -28.31 -14.61
CA HIS C 27 13.54 -28.42 -15.24
C HIS C 27 14.52 -27.35 -14.73
N ARG D 7 22.31 31.36 -10.25
CA ARG D 7 22.11 32.41 -11.29
C ARG D 7 21.35 31.87 -12.51
N LEU D 8 21.85 30.78 -13.09
CA LEU D 8 21.29 30.20 -14.31
C LEU D 8 19.88 29.62 -14.14
N LEU D 9 19.68 28.83 -13.08
CA LEU D 9 18.36 28.29 -12.76
C LEU D 9 17.33 29.40 -12.64
N GLN D 10 17.68 30.48 -11.92
CA GLN D 10 16.78 31.62 -11.73
C GLN D 10 16.31 32.19 -13.08
N GLN D 11 17.26 32.32 -14.00
CA GLN D 11 17.00 32.90 -15.30
C GLN D 11 16.09 32.04 -16.16
N LEU D 12 16.29 30.73 -16.13
CA LEU D 12 15.44 29.80 -16.89
C LEU D 12 14.02 29.75 -16.32
N VAL D 13 13.92 29.93 -15.01
CA VAL D 13 12.63 29.98 -14.34
C VAL D 13 11.87 31.21 -14.80
N LEU D 14 12.53 32.36 -14.71
CA LEU D 14 11.89 33.65 -15.00
C LEU D 14 11.53 33.77 -16.47
N SER D 15 12.33 33.18 -17.35
CA SER D 15 12.11 33.26 -18.78
C SER D 15 11.20 32.16 -19.30
N GLY D 16 10.84 31.22 -18.43
CA GLY D 16 10.01 30.10 -18.81
C GLY D 16 10.68 29.15 -19.79
N ASN D 17 11.96 28.87 -19.58
CA ASN D 17 12.71 27.96 -20.46
C ASN D 17 13.32 26.75 -19.75
N LEU D 18 12.87 26.47 -18.53
CA LEU D 18 13.52 25.47 -17.70
C LEU D 18 13.49 24.07 -18.31
N ILE D 19 12.28 23.62 -18.65
CA ILE D 19 12.06 22.26 -19.11
C ILE D 19 12.78 21.99 -20.43
N LYS D 20 12.60 22.91 -21.38
CA LYS D 20 13.32 22.90 -22.67
C LYS D 20 14.82 22.68 -22.47
N GLU D 21 15.41 23.47 -21.57
CA GLU D 21 16.83 23.42 -21.32
C GLU D 21 17.24 22.12 -20.66
N ALA D 22 16.38 21.59 -19.79
CA ALA D 22 16.69 20.37 -19.06
C ALA D 22 16.65 19.14 -19.98
N VAL D 23 15.66 19.11 -20.87
CA VAL D 23 15.54 18.03 -21.84
C VAL D 23 16.74 18.00 -22.79
N ARG D 24 17.13 19.18 -23.27
CA ARG D 24 18.29 19.35 -24.13
C ARG D 24 19.54 18.77 -23.46
N ARG D 25 19.72 19.06 -22.17
CA ARG D 25 20.87 18.58 -21.40
C ARG D 25 20.87 17.06 -21.22
N LEU D 26 19.68 16.49 -21.19
CA LEU D 26 19.50 15.04 -21.06
C LEU D 26 19.88 14.32 -22.36
N HIS D 27 19.67 14.99 -23.49
CA HIS D 27 19.97 14.41 -24.80
C HIS D 27 21.37 14.76 -25.34
N SER D 28 22.25 15.22 -24.46
CA SER D 28 23.63 15.58 -24.85
C SER D 28 24.45 14.33 -25.22
#